data_9MLO
#
_entry.id   9MLO
#
_cell.length_a   154.741
_cell.length_b   154.741
_cell.length_c   132.979
_cell.angle_alpha   90.00
_cell.angle_beta   90.00
_cell.angle_gamma   90.00
#
_symmetry.space_group_name_H-M   'P 41 21 2'
#
loop_
_entity.id
_entity.type
_entity.pdbx_description
1 polymer 'Haloacid dehalogenase superfamily, subfamily IA, variant 3 with third motif having DD or ED'
2 non-polymer GLYCEROL
3 non-polymer (2E,6E)-3,7,11-trimethyldodeca-2,6,10-triene-1-thiol
4 non-polymer 'PHOSPHATE ION'
5 non-polymer 2-AMINO-2-HYDROXYMETHYL-PROPANE-1,3-DIOL
6 water water
#
_entity_poly.entity_id   1
_entity_poly.type   'polypeptide(L)'
_entity_poly.pdbx_seq_one_letter_code
;NQNNMKEVLTPELITSLQELSQILDRYDTIVFDLGDVLLHWDSVHFTSETKGIDDVRKMVKHPVWQDLEKGLINQEFALT
ALSCELETPCSKLKEMLELSIASLQVNPLMVEVLRVLHKKDKQIYCLSNVDLESFSYLYKQFDFWKYFDGIYVSALLQLR
KPNPDIFQYLISSASINTKSTIFIDDKSENLQEAANFGISTLKYNKDNFEYTAIEGGWPIPLQNMTPEIHKKRTLGEDYL
NLRLRKFPFCKSFVSNNVELIGGEDFSKEIFSTAVILHSYTSLPDDIIASMCHEILNHDGQNKLRWCFYKNEARPDNFPD
DLDTTSMVLSFLLNHNKLTIEKIIPVAEQMIANRNEEGIIQVYFDDNRPRIDAIVAINVLYLMHQIGYGERKELKETEAF
VFDFLISKEYLKGTRYYPAPDVFLFFLSRLVVDFPDQFEKFHKPLTEMLITRVNCSTFPLERALRIIALKKLGIVNRVDF
LKLLDTQLADGGWPVYGLFIAPRSNTYFGSRELSTAFALEALHILS
;
_entity_poly.pdbx_strand_id   B,A
#
# COMPACT_ATOMS: atom_id res chain seq x y z
N GLU A 19 33.14 -38.33 -10.57
CA GLU A 19 32.55 -39.04 -9.44
C GLU A 19 31.05 -39.30 -9.66
N LEU A 20 30.60 -40.54 -9.46
CA LEU A 20 29.18 -40.83 -9.42
C LEU A 20 28.63 -40.50 -8.05
N SER A 21 27.44 -39.89 -8.04
CA SER A 21 26.78 -39.46 -6.81
C SER A 21 25.68 -40.46 -6.49
N GLN A 22 26.09 -41.60 -5.93
CA GLN A 22 25.14 -42.47 -5.25
C GLN A 22 24.69 -41.85 -3.94
N ILE A 23 25.46 -40.89 -3.42
CA ILE A 23 25.10 -40.21 -2.17
C ILE A 23 23.73 -39.58 -2.28
N LEU A 24 23.46 -38.93 -3.43
CA LEU A 24 22.20 -38.24 -3.63
C LEU A 24 21.01 -39.16 -3.38
N ASP A 25 21.08 -40.41 -3.86
CA ASP A 25 19.97 -41.32 -3.62
C ASP A 25 19.79 -41.66 -2.14
N ARG A 26 20.76 -41.33 -1.28
CA ARG A 26 20.65 -41.52 0.16
C ARG A 26 19.91 -40.39 0.85
N TYR A 27 19.12 -39.64 0.08
CA TYR A 27 18.38 -38.50 0.59
C TYR A 27 17.04 -38.44 -0.09
N ASP A 28 16.00 -38.07 0.68
CA ASP A 28 14.63 -38.04 0.20
C ASP A 28 14.25 -36.71 -0.45
N THR A 29 14.86 -35.61 0.01
CA THR A 29 14.57 -34.26 -0.43
C THR A 29 15.86 -33.53 -0.78
N ILE A 30 15.92 -32.97 -2.00
CA ILE A 30 17.09 -32.24 -2.48
C ILE A 30 16.66 -30.83 -2.85
N VAL A 31 17.44 -29.84 -2.38
CA VAL A 31 17.16 -28.42 -2.58
C VAL A 31 18.25 -27.83 -3.46
N PHE A 32 17.86 -27.25 -4.58
CA PHE A 32 18.76 -26.61 -5.54
C PHE A 32 18.73 -25.10 -5.41
N ASP A 33 19.90 -24.49 -5.40
CA ASP A 33 20.01 -23.09 -5.76
C ASP A 33 20.04 -22.95 -7.29
N LEU A 34 19.83 -21.73 -7.77
CA LEU A 34 19.82 -21.49 -9.21
C LEU A 34 21.17 -21.04 -9.74
N GLY A 35 21.70 -19.92 -9.21
CA GLY A 35 22.98 -19.38 -9.66
C GLY A 35 24.15 -20.33 -9.53
N ASP A 36 24.91 -20.46 -10.63
CA ASP A 36 26.14 -21.26 -10.82
C ASP A 36 25.86 -22.76 -10.76
N VAL A 37 24.97 -23.16 -9.86
CA VAL A 37 24.53 -24.54 -9.78
C VAL A 37 23.82 -24.94 -11.06
N LEU A 38 22.72 -24.27 -11.38
CA LEU A 38 21.98 -24.57 -12.60
C LEU A 38 22.25 -23.60 -13.75
N LEU A 39 22.65 -22.37 -13.46
CA LEU A 39 22.75 -21.37 -14.51
C LEU A 39 24.05 -20.60 -14.36
N HIS A 40 24.62 -20.18 -15.50
CA HIS A 40 25.80 -19.34 -15.52
C HIS A 40 25.55 -18.10 -16.38
N TRP A 41 26.12 -16.97 -15.97
CA TRP A 41 26.02 -15.73 -16.74
C TRP A 41 27.32 -14.94 -16.55
N ASP A 42 27.63 -14.10 -17.53
CA ASP A 42 28.78 -13.21 -17.47
C ASP A 42 28.28 -11.78 -17.35
N SER A 43 29.09 -10.94 -16.69
CA SER A 43 28.61 -9.66 -16.24
C SER A 43 29.31 -8.46 -16.85
N VAL A 44 30.38 -8.65 -17.60
CA VAL A 44 31.11 -7.53 -18.17
C VAL A 44 30.54 -7.26 -19.55
N HIS A 45 30.21 -6.00 -19.82
CA HIS A 45 29.47 -5.66 -21.03
C HIS A 45 29.77 -4.24 -21.46
N PHE A 46 29.54 -4.00 -22.73
CA PHE A 46 29.86 -2.72 -23.34
C PHE A 46 28.69 -2.30 -24.22
N THR A 47 28.41 -1.01 -24.23
CA THR A 47 27.45 -0.45 -25.15
C THR A 47 28.14 0.71 -25.87
N SER A 48 27.37 1.40 -26.71
CA SER A 48 27.88 2.62 -27.33
C SER A 48 28.16 3.71 -26.29
N GLU A 49 27.70 3.54 -25.06
CA GLU A 49 27.95 4.46 -23.97
C GLU A 49 29.19 4.03 -23.19
N THR A 50 30.13 4.97 -23.00
CA THR A 50 31.37 4.61 -22.31
C THR A 50 31.42 5.05 -20.86
N LYS A 51 30.70 6.09 -20.47
CA LYS A 51 30.68 6.50 -19.08
C LYS A 51 30.05 5.42 -18.21
N GLY A 52 30.61 5.25 -17.02
CA GLY A 52 30.02 4.39 -16.03
C GLY A 52 30.72 3.07 -15.87
N ILE A 53 30.03 2.13 -15.22
CA ILE A 53 30.57 0.81 -14.97
C ILE A 53 30.56 -0.02 -16.26
N ASP A 54 31.37 -1.07 -16.26
CA ASP A 54 31.34 -2.10 -17.29
C ASP A 54 30.94 -3.47 -16.76
N ASP A 55 30.63 -3.59 -15.46
CA ASP A 55 30.44 -4.88 -14.83
C ASP A 55 29.12 -4.87 -14.07
N VAL A 56 28.18 -5.69 -14.54
CA VAL A 56 26.86 -5.83 -13.94
C VAL A 56 26.92 -6.35 -12.52
N ARG A 57 27.96 -7.09 -12.16
CA ARG A 57 28.15 -7.47 -10.76
C ARG A 57 28.30 -6.26 -9.84
N LYS A 58 28.72 -5.10 -10.37
CA LYS A 58 28.77 -3.92 -9.52
C LYS A 58 27.37 -3.41 -9.18
N MET A 59 26.34 -3.85 -9.92
CA MET A 59 24.94 -3.62 -9.62
C MET A 59 24.39 -4.68 -8.67
N VAL A 60 24.60 -5.96 -8.98
CA VAL A 60 23.99 -7.00 -8.14
C VAL A 60 24.59 -7.02 -6.75
N LYS A 61 25.81 -6.49 -6.55
CA LYS A 61 26.39 -6.46 -5.20
C LYS A 61 26.05 -5.18 -4.43
N HIS A 62 25.26 -4.27 -5.02
CA HIS A 62 24.88 -3.02 -4.37
C HIS A 62 23.69 -3.25 -3.44
N PRO A 63 23.68 -2.61 -2.26
CA PRO A 63 22.54 -2.78 -1.33
C PRO A 63 21.17 -2.59 -1.97
N VAL A 64 21.05 -1.72 -2.97
CA VAL A 64 19.76 -1.48 -3.62
C VAL A 64 19.29 -2.74 -4.33
N TRP A 65 20.23 -3.58 -4.78
CA TRP A 65 19.85 -4.82 -5.42
C TRP A 65 19.05 -5.74 -4.50
N GLN A 66 19.36 -5.72 -3.20
CA GLN A 66 18.64 -6.54 -2.23
C GLN A 66 17.17 -6.17 -2.17
N ASP A 67 16.87 -4.87 -2.29
CA ASP A 67 15.48 -4.47 -2.37
C ASP A 67 14.83 -5.04 -3.61
N LEU A 68 15.52 -4.99 -4.74
CA LEU A 68 15.01 -5.57 -5.97
C LEU A 68 14.75 -7.07 -5.82
N GLU A 69 15.69 -7.78 -5.19
CA GLU A 69 15.56 -9.22 -5.03
C GLU A 69 14.38 -9.59 -4.13
N LYS A 70 14.10 -8.77 -3.10
CA LYS A 70 12.98 -9.04 -2.20
C LYS A 70 11.64 -8.58 -2.75
N GLY A 71 11.55 -8.23 -4.03
CA GLY A 71 10.31 -7.72 -4.56
C GLY A 71 9.83 -6.40 -4.00
N LEU A 72 10.61 -5.68 -3.20
CA LEU A 72 10.16 -4.39 -2.68
C LEU A 72 10.21 -3.26 -3.73
N ILE A 73 11.04 -3.38 -4.76
CA ILE A 73 11.06 -2.42 -5.85
C ILE A 73 11.15 -3.20 -7.14
N ASN A 74 10.76 -2.57 -8.23
CA ASN A 74 10.91 -3.22 -9.52
C ASN A 74 12.21 -2.76 -10.17
N GLN A 75 12.44 -3.27 -11.38
CA GLN A 75 13.71 -3.03 -12.06
C GLN A 75 13.88 -1.56 -12.41
N GLU A 76 12.86 -0.94 -13.00
CA GLU A 76 12.89 0.49 -13.30
C GLU A 76 13.35 1.30 -12.10
N PHE A 77 12.70 1.11 -10.96
CA PHE A 77 13.14 1.77 -9.75
C PHE A 77 14.60 1.49 -9.48
N ALA A 78 14.97 0.21 -9.44
CA ALA A 78 16.33 -0.16 -9.05
C ALA A 78 17.37 0.46 -9.98
N LEU A 79 17.09 0.49 -11.28
CA LEU A 79 18.04 1.02 -12.25
C LEU A 79 18.12 2.52 -12.21
N THR A 80 17.04 3.20 -11.83
CA THR A 80 17.12 4.64 -11.63
C THR A 80 17.93 4.96 -10.37
N ALA A 81 17.77 4.18 -9.32
CA ALA A 81 18.56 4.43 -8.12
C ALA A 81 20.04 4.16 -8.38
N LEU A 82 20.34 3.03 -9.06
CA LEU A 82 21.73 2.65 -9.33
C LEU A 82 22.36 3.52 -10.41
N SER A 83 21.55 3.98 -11.36
CA SER A 83 21.97 5.04 -12.28
C SER A 83 22.69 6.13 -11.53
N CYS A 84 22.11 6.57 -10.41
CA CYS A 84 22.68 7.65 -9.61
C CYS A 84 23.84 7.17 -8.74
N GLU A 85 23.67 6.06 -8.02
CA GLU A 85 24.74 5.55 -7.16
C GLU A 85 26.00 5.19 -7.96
N LEU A 86 25.82 4.45 -9.05
CA LEU A 86 26.94 4.00 -9.87
C LEU A 86 27.34 5.01 -10.95
N GLU A 87 26.78 6.22 -10.92
CA GLU A 87 27.07 7.29 -11.88
C GLU A 87 27.17 6.77 -13.30
N THR A 88 26.18 5.96 -13.67
CA THR A 88 26.14 5.29 -14.95
C THR A 88 24.80 5.59 -15.60
N PRO A 89 24.78 6.03 -16.85
CA PRO A 89 23.51 6.31 -17.54
C PRO A 89 22.55 5.14 -17.46
N CYS A 90 21.28 5.45 -17.17
CA CYS A 90 20.33 4.42 -16.81
C CYS A 90 20.00 3.50 -17.99
N SER A 91 20.00 4.05 -19.21
CA SER A 91 19.79 3.17 -20.37
C SER A 91 20.97 2.24 -20.57
N LYS A 92 22.17 2.67 -20.17
CA LYS A 92 23.31 1.77 -20.21
C LYS A 92 23.10 0.61 -19.25
N LEU A 93 22.76 0.90 -18.00
CA LEU A 93 22.51 -0.17 -17.03
C LEU A 93 21.44 -1.15 -17.51
N LYS A 94 20.43 -0.68 -18.26
CA LYS A 94 19.39 -1.59 -18.73
C LYS A 94 19.92 -2.48 -19.85
N GLU A 95 20.58 -1.88 -20.85
CA GLU A 95 21.22 -2.67 -21.89
C GLU A 95 22.20 -3.68 -21.30
N MET A 96 23.04 -3.25 -20.36
CA MET A 96 23.98 -4.16 -19.74
C MET A 96 23.26 -5.31 -19.04
N LEU A 97 22.16 -5.03 -18.38
CA LEU A 97 21.44 -6.11 -17.72
C LEU A 97 20.80 -7.04 -18.73
N GLU A 98 20.23 -6.47 -19.81
CA GLU A 98 19.68 -7.29 -20.88
C GLU A 98 20.74 -8.19 -21.48
N LEU A 99 21.94 -7.66 -21.65
CA LEU A 99 23.05 -8.45 -22.17
C LEU A 99 23.42 -9.56 -21.21
N SER A 100 23.51 -9.27 -19.90
CA SER A 100 23.88 -10.30 -18.94
C SER A 100 22.92 -11.48 -18.97
N ILE A 101 21.64 -11.21 -19.21
CA ILE A 101 20.66 -12.29 -19.25
C ILE A 101 20.85 -13.15 -20.50
N ALA A 102 21.18 -12.52 -21.62
CA ALA A 102 21.39 -13.28 -22.84
C ALA A 102 22.62 -14.17 -22.78
N SER A 103 23.50 -13.98 -21.79
CA SER A 103 24.66 -14.86 -21.62
C SER A 103 24.33 -16.09 -20.79
N LEU A 104 23.08 -16.21 -20.30
CA LEU A 104 22.69 -17.29 -19.42
C LEU A 104 22.88 -18.64 -20.09
N GLN A 105 23.50 -19.57 -19.36
CA GLN A 105 23.83 -20.92 -19.83
C GLN A 105 23.39 -21.92 -18.77
N VAL A 106 22.71 -22.98 -19.19
CA VAL A 106 22.34 -24.03 -18.23
C VAL A 106 23.57 -24.89 -17.97
N ASN A 107 23.78 -25.23 -16.71
CA ASN A 107 24.78 -26.21 -16.34
C ASN A 107 24.24 -27.56 -16.80
N PRO A 108 24.76 -28.12 -17.90
CA PRO A 108 24.11 -29.30 -18.48
C PRO A 108 24.27 -30.54 -17.65
N LEU A 109 25.38 -30.68 -16.91
CA LEU A 109 25.49 -31.80 -15.97
C LEU A 109 24.40 -31.71 -14.92
N MET A 110 24.29 -30.52 -14.30
CA MET A 110 23.38 -30.32 -13.16
C MET A 110 21.93 -30.57 -13.54
N VAL A 111 21.50 -30.13 -14.72
CA VAL A 111 20.12 -30.37 -15.10
C VAL A 111 19.88 -31.84 -15.37
N GLU A 112 20.91 -32.60 -15.70
CA GLU A 112 20.70 -34.01 -15.96
C GLU A 112 20.58 -34.79 -14.66
N VAL A 113 21.42 -34.47 -13.67
CA VAL A 113 21.17 -34.93 -12.32
C VAL A 113 19.72 -34.63 -11.94
N LEU A 114 19.30 -33.37 -12.15
CA LEU A 114 17.96 -32.93 -11.79
C LEU A 114 16.91 -33.79 -12.47
N ARG A 115 17.07 -34.04 -13.77
CA ARG A 115 16.19 -34.96 -14.47
C ARG A 115 16.18 -36.32 -13.77
N VAL A 116 17.36 -36.86 -13.47
CA VAL A 116 17.42 -38.15 -12.79
C VAL A 116 16.68 -38.09 -11.47
N LEU A 117 17.01 -37.11 -10.63
CA LEU A 117 16.43 -37.04 -9.28
C LEU A 117 14.92 -36.91 -9.33
N HIS A 118 14.39 -36.18 -10.32
CA HIS A 118 12.94 -36.13 -10.51
C HIS A 118 12.38 -37.48 -10.91
N LYS A 119 13.07 -38.19 -11.81
CA LYS A 119 12.59 -39.49 -12.25
C LYS A 119 12.73 -40.56 -11.17
N LYS A 120 13.69 -40.41 -10.26
CA LYS A 120 13.82 -41.30 -9.11
C LYS A 120 12.77 -41.02 -8.03
N ASP A 121 11.74 -40.25 -8.37
CA ASP A 121 10.63 -39.87 -7.49
C ASP A 121 11.15 -39.30 -6.16
N LYS A 122 12.12 -38.39 -6.28
CA LYS A 122 12.61 -37.61 -5.15
C LYS A 122 11.84 -36.28 -5.09
N GLN A 123 11.91 -35.63 -3.93
CA GLN A 123 11.24 -34.35 -3.69
C GLN A 123 12.26 -33.23 -3.85
N ILE A 124 12.08 -32.40 -4.88
CA ILE A 124 13.08 -31.42 -5.29
C ILE A 124 12.53 -30.00 -5.18
N TYR A 125 13.30 -29.14 -4.51
CA TYR A 125 12.91 -27.76 -4.30
C TYR A 125 13.97 -26.82 -4.87
N CYS A 126 13.51 -25.65 -5.30
CA CYS A 126 14.35 -24.60 -5.83
C CYS A 126 14.24 -23.41 -4.90
N LEU A 127 15.39 -22.81 -4.54
CA LEU A 127 15.42 -21.74 -3.54
C LEU A 127 16.52 -20.77 -3.96
N SER A 128 16.15 -19.63 -4.54
CA SER A 128 17.16 -18.74 -5.10
C SER A 128 16.74 -17.27 -5.00
N ASN A 129 17.75 -16.39 -4.88
CA ASN A 129 17.54 -14.95 -4.92
C ASN A 129 17.39 -14.52 -6.38
N VAL A 130 16.21 -14.01 -6.74
CA VAL A 130 16.02 -13.49 -8.10
C VAL A 130 14.83 -12.55 -8.08
N ASP A 131 14.96 -11.42 -8.78
CA ASP A 131 13.86 -10.47 -8.82
C ASP A 131 12.72 -11.04 -9.65
N LEU A 132 11.58 -10.35 -9.62
CA LEU A 132 10.37 -10.90 -10.20
C LEU A 132 10.40 -10.86 -11.73
N GLU A 133 10.89 -9.77 -12.30
CA GLU A 133 10.93 -9.65 -13.75
C GLU A 133 11.94 -10.60 -14.37
N SER A 134 13.07 -10.83 -13.68
CA SER A 134 14.04 -11.82 -14.16
C SER A 134 13.48 -13.22 -14.06
N PHE A 135 12.77 -13.52 -12.96
CA PHE A 135 12.27 -14.87 -12.74
C PHE A 135 11.23 -15.25 -13.78
N SER A 136 10.33 -14.33 -14.12
CA SER A 136 9.36 -14.62 -15.16
C SER A 136 10.06 -14.94 -16.48
N TYR A 137 11.15 -14.22 -16.78
CA TYR A 137 11.92 -14.49 -17.99
C TYR A 137 12.61 -15.86 -17.93
N LEU A 138 13.37 -16.12 -16.87
CA LEU A 138 13.95 -17.45 -16.68
C LEU A 138 12.88 -18.54 -16.76
N TYR A 139 11.69 -18.28 -16.21
CA TYR A 139 10.67 -19.32 -16.16
C TYR A 139 10.21 -19.69 -17.57
N LYS A 140 10.10 -18.69 -18.46
CA LYS A 140 9.73 -18.93 -19.85
C LYS A 140 10.91 -19.46 -20.66
N GLN A 141 12.11 -19.01 -20.36
CA GLN A 141 13.26 -19.24 -21.21
C GLN A 141 13.86 -20.63 -21.03
N PHE A 142 13.67 -21.26 -19.88
CA PHE A 142 14.28 -22.56 -19.63
C PHE A 142 13.19 -23.54 -19.23
N ASP A 143 13.40 -24.81 -19.55
CA ASP A 143 12.37 -25.82 -19.39
C ASP A 143 12.71 -26.85 -18.32
N PHE A 144 13.54 -26.48 -17.33
CA PHE A 144 13.88 -27.39 -16.24
C PHE A 144 13.02 -27.18 -14.99
N TRP A 145 12.07 -26.25 -15.03
CA TRP A 145 11.25 -26.04 -13.85
C TRP A 145 10.33 -27.23 -13.59
N LYS A 146 10.05 -28.01 -14.65
CA LYS A 146 9.16 -29.16 -14.52
C LYS A 146 9.66 -30.16 -13.48
N TYR A 147 10.96 -30.25 -13.28
CA TYR A 147 11.54 -31.16 -12.30
C TYR A 147 11.38 -30.67 -10.86
N PHE A 148 10.91 -29.44 -10.67
CA PHE A 148 10.76 -28.92 -9.32
C PHE A 148 9.37 -29.26 -8.79
N ASP A 149 9.31 -29.52 -7.49
CA ASP A 149 8.03 -29.71 -6.84
C ASP A 149 7.51 -28.44 -6.19
N GLY A 150 8.39 -27.60 -5.67
CA GLY A 150 8.03 -26.25 -5.27
C GLY A 150 9.11 -25.24 -5.60
N ILE A 151 8.74 -24.04 -6.01
CA ILE A 151 9.72 -23.03 -6.42
C ILE A 151 9.65 -21.88 -5.43
N TYR A 152 10.78 -21.60 -4.78
CA TYR A 152 10.88 -20.60 -3.72
C TYR A 152 11.82 -19.49 -4.17
N VAL A 153 11.28 -18.30 -4.43
CA VAL A 153 12.00 -17.24 -5.11
C VAL A 153 11.91 -15.98 -4.25
N SER A 154 13.05 -15.32 -4.05
CA SER A 154 13.10 -14.20 -3.12
C SER A 154 12.06 -13.14 -3.44
N ALA A 155 11.88 -12.80 -4.73
CA ALA A 155 10.98 -11.70 -5.08
C ALA A 155 9.52 -12.04 -4.84
N LEU A 156 9.20 -13.32 -4.69
CA LEU A 156 7.86 -13.75 -4.34
C LEU A 156 7.71 -13.96 -2.85
N LEU A 157 8.82 -14.04 -2.15
CA LEU A 157 8.79 -14.33 -0.73
C LEU A 157 8.90 -13.09 0.12
N GLN A 158 9.49 -12.02 -0.41
CA GLN A 158 9.88 -10.90 0.42
C GLN A 158 10.87 -11.37 1.51
N LEU A 159 11.87 -12.15 1.08
CA LEU A 159 12.90 -12.68 1.95
C LEU A 159 14.13 -12.99 1.11
N ARG A 160 15.32 -12.77 1.67
CA ARG A 160 16.58 -12.91 0.93
C ARG A 160 17.38 -14.12 1.41
N LYS A 161 18.20 -14.68 0.50
CA LYS A 161 18.68 -16.04 0.73
C LYS A 161 19.68 -16.18 1.88
N PRO A 162 20.62 -15.26 2.10
CA PRO A 162 21.60 -15.49 3.20
C PRO A 162 20.94 -15.54 4.58
N ASN A 163 19.69 -15.03 4.74
CA ASN A 163 19.13 -14.79 6.06
C ASN A 163 18.48 -16.04 6.63
N PRO A 164 18.53 -16.15 7.97
CA PRO A 164 17.99 -17.36 8.60
C PRO A 164 16.52 -17.56 8.33
N ASP A 165 15.76 -16.48 8.25
CA ASP A 165 14.32 -16.62 8.15
C ASP A 165 13.84 -17.00 6.75
N ILE A 166 14.68 -16.96 5.72
CA ILE A 166 14.23 -17.57 4.47
C ILE A 166 14.40 -19.08 4.53
N PHE A 167 15.41 -19.55 5.25
CA PHE A 167 15.55 -21.00 5.44
C PHE A 167 14.44 -21.52 6.32
N GLN A 168 14.19 -20.85 7.44
CA GLN A 168 13.11 -21.28 8.32
C GLN A 168 11.78 -21.30 7.57
N TYR A 169 11.58 -20.35 6.66
CA TYR A 169 10.33 -20.33 5.90
C TYR A 169 10.23 -21.53 4.96
N LEU A 170 11.34 -21.92 4.32
CA LEU A 170 11.31 -23.09 3.43
C LEU A 170 10.95 -24.36 4.20
N ILE A 171 11.55 -24.55 5.38
CA ILE A 171 11.36 -25.80 6.12
C ILE A 171 9.94 -25.91 6.66
N SER A 172 9.35 -24.80 7.12
CA SER A 172 7.94 -24.84 7.48
C SER A 172 7.05 -25.09 6.27
N SER A 173 7.14 -24.20 5.27
CA SER A 173 6.26 -24.26 4.10
C SER A 173 6.26 -25.64 3.44
N ALA A 174 7.43 -26.27 3.32
CA ALA A 174 7.56 -27.57 2.65
C ALA A 174 7.58 -28.74 3.62
N SER A 175 7.53 -28.47 4.93
CA SER A 175 7.58 -29.49 5.97
C SER A 175 8.72 -30.47 5.69
N ILE A 176 9.91 -29.91 5.77
CA ILE A 176 11.11 -30.62 5.37
C ILE A 176 11.70 -31.39 6.54
N ASN A 177 11.95 -32.67 6.31
CA ASN A 177 12.68 -33.52 7.26
C ASN A 177 14.15 -33.17 7.10
N THR A 178 14.64 -32.25 7.93
CA THR A 178 16.03 -31.83 7.82
C THR A 178 16.99 -33.00 8.05
N LYS A 179 16.51 -34.14 8.58
CA LYS A 179 17.32 -35.35 8.55
C LYS A 179 17.56 -35.80 7.12
N SER A 180 16.48 -36.06 6.37
CA SER A 180 16.54 -36.67 5.05
C SER A 180 16.70 -35.67 3.89
N THR A 181 17.28 -34.49 4.13
CA THR A 181 17.25 -33.43 3.13
C THR A 181 18.65 -32.84 2.92
N ILE A 182 18.96 -32.49 1.67
CA ILE A 182 20.30 -32.10 1.25
C ILE A 182 20.22 -30.86 0.35
N PHE A 183 20.89 -29.78 0.76
CA PHE A 183 20.99 -28.56 -0.03
C PHE A 183 22.21 -28.62 -0.93
N ILE A 184 22.17 -27.85 -2.02
CA ILE A 184 23.22 -27.84 -3.04
C ILE A 184 23.40 -26.40 -3.51
N ASP A 185 24.54 -25.77 -3.14
CA ASP A 185 24.78 -24.36 -3.45
C ASP A 185 26.24 -24.15 -3.85
N ASP A 186 26.54 -22.91 -4.26
CA ASP A 186 27.88 -22.44 -4.62
C ASP A 186 28.30 -21.23 -3.78
N LYS A 187 27.80 -21.12 -2.55
CA LYS A 187 28.20 -20.03 -1.68
C LYS A 187 28.30 -20.55 -0.25
N SER A 188 29.42 -20.25 0.40
CA SER A 188 29.67 -20.77 1.74
C SER A 188 28.71 -20.17 2.77
N GLU A 189 28.38 -18.88 2.62
CA GLU A 189 27.42 -18.27 3.51
C GLU A 189 26.08 -19.00 3.44
N ASN A 190 25.63 -19.38 2.23
CA ASN A 190 24.35 -20.04 2.06
C ASN A 190 24.32 -21.40 2.74
N LEU A 191 25.34 -22.24 2.47
CA LEU A 191 25.31 -23.61 2.99
C LEU A 191 25.59 -23.64 4.48
N GLN A 192 26.32 -22.65 4.99
CA GLN A 192 26.51 -22.55 6.44
C GLN A 192 25.17 -22.38 7.15
N GLU A 193 24.30 -21.54 6.61
CA GLU A 193 22.96 -21.36 7.18
C GLU A 193 22.11 -22.61 7.01
N ALA A 194 22.14 -23.22 5.82
CA ALA A 194 21.46 -24.50 5.63
C ALA A 194 21.94 -25.53 6.65
N ALA A 195 23.24 -25.56 6.91
CA ALA A 195 23.78 -26.52 7.87
C ALA A 195 23.17 -26.33 9.25
N ASN A 196 22.99 -25.08 9.68
CA ASN A 196 22.52 -24.80 11.04
C ASN A 196 21.11 -25.31 11.30
N PHE A 197 20.34 -25.65 10.28
CA PHE A 197 19.01 -26.20 10.47
C PHE A 197 19.01 -27.72 10.42
N GLY A 198 20.19 -28.34 10.37
CA GLY A 198 20.33 -29.77 10.28
C GLY A 198 20.35 -30.32 8.87
N ILE A 199 20.44 -29.45 7.85
CA ILE A 199 20.38 -29.88 6.46
C ILE A 199 21.80 -30.11 5.97
N SER A 200 22.04 -31.30 5.42
CA SER A 200 23.34 -31.60 4.83
C SER A 200 23.61 -30.65 3.67
N THR A 201 24.85 -30.16 3.61
CA THR A 201 25.26 -29.22 2.59
C THR A 201 26.25 -29.89 1.65
N LEU A 202 26.09 -29.63 0.33
CA LEU A 202 27.01 -30.10 -0.70
C LEU A 202 27.33 -28.93 -1.63
N LYS A 203 28.58 -28.46 -1.59
CA LYS A 203 29.07 -27.30 -2.34
C LYS A 203 29.50 -27.69 -3.76
N TYR A 204 29.63 -26.67 -4.61
CA TYR A 204 30.02 -26.83 -6.00
C TYR A 204 31.16 -25.89 -6.36
N ASN A 205 31.97 -26.33 -7.32
CA ASN A 205 32.91 -25.49 -8.06
C ASN A 205 33.22 -26.21 -9.38
N LYS A 206 33.88 -25.48 -10.28
CA LYS A 206 34.31 -26.09 -11.54
C LYS A 206 35.12 -27.36 -11.29
N ASP A 207 35.92 -27.38 -10.22
CA ASP A 207 36.75 -28.54 -9.94
C ASP A 207 36.16 -29.33 -8.76
N ASN A 208 36.16 -28.73 -7.57
CA ASN A 208 35.84 -29.45 -6.35
C ASN A 208 34.34 -29.49 -6.07
N PHE A 209 33.89 -30.63 -5.54
CA PHE A 209 32.50 -30.84 -5.12
C PHE A 209 32.55 -31.38 -3.69
N GLU A 210 32.44 -30.49 -2.70
CA GLU A 210 32.63 -30.84 -1.29
C GLU A 210 31.28 -31.13 -0.63
N TYR A 211 31.20 -32.26 0.09
CA TYR A 211 29.93 -32.76 0.63
C TYR A 211 30.00 -33.01 2.14
N THR A 212 29.66 -32.00 2.94
CA THR A 212 29.60 -32.17 4.39
C THR A 212 28.32 -32.91 4.79
N ALA A 213 28.46 -33.92 5.66
CA ALA A 213 27.34 -34.70 6.19
C ALA A 213 26.35 -35.16 5.11
N THR A 226 4.53 -17.19 12.14
CA THR A 226 3.90 -16.39 13.20
C THR A 226 2.60 -17.01 13.72
N PRO A 227 2.32 -16.81 15.01
CA PRO A 227 1.00 -17.18 15.55
C PRO A 227 -0.05 -16.11 15.33
N GLU A 228 0.37 -14.88 15.01
CA GLU A 228 -0.56 -13.89 14.46
C GLU A 228 -1.39 -14.50 13.34
N ILE A 229 -0.74 -15.24 12.44
CA ILE A 229 -1.47 -15.87 11.34
C ILE A 229 -2.57 -16.79 11.85
N HIS A 230 -2.25 -17.63 12.84
CA HIS A 230 -3.27 -18.50 13.40
C HIS A 230 -4.45 -17.70 13.96
N LYS A 231 -4.17 -16.57 14.63
CA LYS A 231 -5.23 -15.71 15.12
C LYS A 231 -6.13 -15.25 13.98
N LYS A 232 -5.53 -14.69 12.93
CA LYS A 232 -6.32 -14.19 11.82
C LYS A 232 -7.13 -15.30 11.15
N ARG A 233 -6.54 -16.49 10.95
CA ARG A 233 -7.30 -17.57 10.33
C ARG A 233 -8.44 -18.01 11.23
N THR A 234 -8.23 -18.01 12.53
CA THR A 234 -9.30 -18.41 13.44
C THR A 234 -10.39 -17.34 13.47
N LEU A 235 -10.00 -16.07 13.52
CA LEU A 235 -10.98 -14.99 13.56
C LEU A 235 -11.82 -14.96 12.29
N GLY A 236 -11.21 -15.24 11.14
CA GLY A 236 -11.94 -15.21 9.90
C GLY A 236 -12.81 -16.43 9.67
N GLU A 237 -12.38 -17.60 10.15
CA GLU A 237 -13.23 -18.78 10.08
C GLU A 237 -14.51 -18.56 10.85
N ASP A 238 -14.42 -17.96 12.04
CA ASP A 238 -15.62 -17.65 12.83
C ASP A 238 -16.52 -16.66 12.08
N TYR A 239 -15.94 -15.60 11.51
CA TYR A 239 -16.76 -14.65 10.76
C TYR A 239 -17.57 -15.38 9.69
N LEU A 240 -16.90 -16.17 8.85
CA LEU A 240 -17.58 -16.82 7.75
C LEU A 240 -18.62 -17.81 8.25
N ASN A 241 -18.30 -18.50 9.36
CA ASN A 241 -19.21 -19.49 9.93
C ASN A 241 -20.50 -18.86 10.44
N LEU A 242 -20.39 -17.82 11.29
CA LEU A 242 -21.63 -17.19 11.73
C LEU A 242 -22.42 -16.66 10.55
N ARG A 243 -21.73 -16.07 9.57
CA ARG A 243 -22.45 -15.46 8.44
C ARG A 243 -23.25 -16.49 7.64
N LEU A 244 -22.67 -17.67 7.40
CA LEU A 244 -23.36 -18.68 6.61
C LEU A 244 -24.31 -19.52 7.45
N ARG A 245 -24.22 -19.45 8.78
CA ARG A 245 -25.25 -20.05 9.60
C ARG A 245 -26.47 -19.14 9.70
N LYS A 246 -26.28 -17.82 9.70
CA LYS A 246 -27.40 -16.91 9.59
C LYS A 246 -28.02 -16.96 8.19
N PHE A 247 -27.19 -17.04 7.15
CA PHE A 247 -27.66 -17.03 5.77
C PHE A 247 -27.01 -18.15 4.96
N PRO A 248 -27.59 -19.33 4.94
CA PRO A 248 -27.03 -20.41 4.08
C PRO A 248 -27.06 -20.07 2.60
N PHE A 249 -28.18 -19.58 2.06
CA PHE A 249 -28.12 -18.99 0.73
C PHE A 249 -27.22 -17.77 0.82
N CYS A 250 -26.03 -17.84 0.24
CA CYS A 250 -25.03 -16.78 0.40
C CYS A 250 -25.62 -15.45 -0.05
N LYS A 251 -25.54 -14.45 0.83
CA LYS A 251 -26.04 -13.11 0.55
C LYS A 251 -25.44 -12.57 -0.73
N SER A 252 -26.03 -11.52 -1.27
CA SER A 252 -25.57 -10.99 -2.55
C SER A 252 -25.90 -9.51 -2.59
N PHE A 253 -24.95 -8.70 -3.03
CA PHE A 253 -25.12 -7.26 -3.06
C PHE A 253 -24.84 -6.75 -4.45
N VAL A 254 -25.67 -5.82 -4.91
CA VAL A 254 -25.58 -5.28 -6.27
C VAL A 254 -25.27 -3.81 -6.18
N SER A 255 -24.40 -3.35 -7.09
CA SER A 255 -23.98 -1.98 -7.23
C SER A 255 -23.36 -1.84 -8.63
N ASN A 256 -22.68 -0.74 -8.88
CA ASN A 256 -22.15 -0.47 -10.21
C ASN A 256 -20.62 -0.45 -10.29
N ASN A 257 -19.93 -0.48 -9.16
CA ASN A 257 -18.47 -0.57 -9.11
C ASN A 257 -18.03 -1.89 -8.48
N VAL A 258 -16.76 -2.23 -8.66
CA VAL A 258 -16.26 -3.53 -8.20
C VAL A 258 -16.24 -3.59 -6.67
N GLU A 259 -16.09 -2.46 -5.98
CA GLU A 259 -16.06 -2.49 -4.52
C GLU A 259 -17.44 -2.52 -3.90
N LEU A 260 -18.50 -2.49 -4.73
CA LEU A 260 -19.87 -2.54 -4.24
C LEU A 260 -20.11 -1.45 -3.18
N ILE A 261 -19.49 -0.29 -3.39
CA ILE A 261 -19.69 0.85 -2.51
C ILE A 261 -21.13 1.33 -2.64
N GLY A 262 -21.81 1.45 -1.50
CA GLY A 262 -23.23 1.75 -1.50
C GLY A 262 -24.06 0.72 -2.24
N GLY A 263 -23.77 -0.55 -2.00
CA GLY A 263 -24.55 -1.59 -2.62
C GLY A 263 -25.86 -1.82 -1.86
N GLU A 264 -26.87 -2.21 -2.61
CA GLU A 264 -28.15 -2.58 -2.04
C GLU A 264 -28.23 -4.09 -1.97
N ASP A 265 -28.79 -4.61 -0.88
CA ASP A 265 -29.01 -6.04 -0.75
C ASP A 265 -29.88 -6.53 -1.91
N PHE A 266 -29.47 -7.63 -2.52
CA PHE A 266 -30.23 -8.37 -3.51
C PHE A 266 -29.83 -9.81 -3.25
N SER A 267 -30.62 -10.52 -2.46
CA SER A 267 -30.06 -11.84 -2.18
C SER A 267 -30.92 -12.88 -2.86
N LYS A 268 -31.08 -12.74 -4.18
CA LYS A 268 -32.01 -13.57 -4.92
C LYS A 268 -31.32 -14.43 -5.98
N GLU A 269 -30.01 -14.65 -5.89
CA GLU A 269 -29.30 -15.52 -6.81
C GLU A 269 -28.53 -16.61 -6.06
N ILE A 270 -28.38 -17.78 -6.69
CA ILE A 270 -27.80 -18.94 -6.04
C ILE A 270 -26.36 -19.22 -6.46
N PHE A 271 -25.87 -18.54 -7.50
CA PHE A 271 -24.49 -18.72 -7.93
C PHE A 271 -23.48 -18.55 -6.79
N SER A 272 -23.63 -17.51 -5.98
CA SER A 272 -22.68 -17.27 -4.90
C SER A 272 -22.59 -18.46 -3.95
N THR A 273 -23.72 -19.09 -3.66
CA THR A 273 -23.72 -20.28 -2.81
C THR A 273 -22.93 -21.39 -3.46
N ALA A 274 -23.11 -21.56 -4.78
CA ALA A 274 -22.40 -22.59 -5.52
C ALA A 274 -20.89 -22.32 -5.56
N VAL A 275 -20.48 -21.06 -5.80
CA VAL A 275 -19.06 -20.76 -5.78
C VAL A 275 -18.45 -21.10 -4.43
N ILE A 276 -19.08 -20.63 -3.34
CA ILE A 276 -18.52 -20.84 -2.00
C ILE A 276 -18.43 -22.33 -1.70
N LEU A 277 -19.51 -23.08 -1.98
CA LEU A 277 -19.51 -24.53 -1.82
C LEU A 277 -18.42 -25.17 -2.67
N HIS A 278 -18.11 -24.59 -3.81
CA HIS A 278 -17.21 -25.23 -4.75
C HIS A 278 -15.74 -24.87 -4.55
N SER A 279 -15.42 -23.90 -3.70
CA SER A 279 -14.05 -23.38 -3.64
C SER A 279 -13.43 -23.35 -2.24
N TYR A 280 -14.22 -23.23 -1.18
CA TYR A 280 -13.67 -23.21 0.18
C TYR A 280 -13.68 -24.62 0.77
N THR A 281 -12.50 -25.12 1.15
CA THR A 281 -12.32 -26.54 1.44
C THR A 281 -12.44 -26.87 2.92
N SER A 282 -12.39 -25.89 3.81
CA SER A 282 -12.50 -26.10 5.24
C SER A 282 -13.88 -25.77 5.78
N LEU A 283 -14.90 -25.77 4.91
CA LEU A 283 -16.26 -25.48 5.34
C LEU A 283 -16.72 -26.52 6.35
N PRO A 284 -17.30 -26.10 7.48
CA PRO A 284 -17.79 -27.07 8.45
C PRO A 284 -18.96 -27.88 7.88
N ASP A 285 -19.08 -29.12 8.36
CA ASP A 285 -19.99 -30.05 7.71
C ASP A 285 -21.43 -29.60 7.82
N ASP A 286 -21.80 -28.97 8.95
CA ASP A 286 -23.17 -28.51 9.06
C ASP A 286 -23.48 -27.47 8.01
N ILE A 287 -22.49 -26.65 7.65
CA ILE A 287 -22.74 -25.58 6.70
C ILE A 287 -22.82 -26.12 5.28
N ILE A 288 -22.00 -27.13 4.95
CA ILE A 288 -22.14 -27.78 3.65
C ILE A 288 -23.55 -28.36 3.51
N ALA A 289 -23.97 -29.12 4.53
CA ALA A 289 -25.32 -29.67 4.62
C ALA A 289 -26.40 -28.64 4.30
N SER A 290 -26.41 -27.54 5.06
CA SER A 290 -27.42 -26.52 4.87
C SER A 290 -27.37 -25.94 3.46
N MET A 291 -26.18 -25.53 3.02
CA MET A 291 -26.05 -24.91 1.71
C MET A 291 -26.39 -25.87 0.59
N CYS A 292 -26.09 -27.16 0.78
CA CYS A 292 -26.47 -28.16 -0.21
C CYS A 292 -27.98 -28.33 -0.28
N HIS A 293 -28.65 -28.34 0.87
CA HIS A 293 -30.11 -28.45 0.84
C HIS A 293 -30.73 -27.23 0.18
N GLU A 294 -30.16 -26.04 0.42
CA GLU A 294 -30.55 -24.84 -0.32
C GLU A 294 -30.55 -25.06 -1.84
N ILE A 295 -29.56 -25.82 -2.33
CA ILE A 295 -29.34 -25.94 -3.77
C ILE A 295 -30.39 -26.84 -4.41
N LEU A 296 -30.55 -28.04 -3.87
CA LEU A 296 -31.44 -29.05 -4.45
C LEU A 296 -32.88 -28.54 -4.57
N ASN A 297 -33.31 -27.68 -3.65
CA ASN A 297 -34.65 -27.10 -3.72
C ASN A 297 -34.83 -26.24 -4.96
N ASN A 302 -36.30 -31.32 -9.85
CA ASN A 302 -35.44 -32.49 -9.94
C ASN A 302 -34.83 -32.63 -11.34
N LYS A 303 -34.74 -31.49 -12.04
CA LYS A 303 -34.23 -31.45 -13.41
C LYS A 303 -32.74 -31.75 -13.51
N LEU A 304 -31.99 -31.60 -12.40
CA LEU A 304 -30.52 -31.61 -12.42
C LEU A 304 -29.94 -30.51 -13.31
N ARG A 305 -30.66 -29.39 -13.39
CA ARG A 305 -30.17 -28.19 -14.04
C ARG A 305 -30.55 -27.01 -13.16
N TRP A 306 -29.76 -25.94 -13.27
CA TRP A 306 -29.91 -24.83 -12.34
C TRP A 306 -29.93 -23.49 -13.08
N CYS A 307 -30.55 -22.52 -12.41
CA CYS A 307 -30.79 -21.18 -12.91
C CYS A 307 -30.12 -20.19 -11.97
N PHE A 308 -29.72 -19.04 -12.51
CA PHE A 308 -29.04 -18.02 -11.71
C PHE A 308 -29.87 -17.63 -10.50
N TYR A 309 -31.19 -17.63 -10.67
CA TYR A 309 -32.11 -17.01 -9.73
C TYR A 309 -32.65 -18.04 -8.74
N LYS A 310 -32.83 -17.59 -7.49
CA LYS A 310 -33.77 -18.27 -6.62
C LYS A 310 -35.12 -18.31 -7.32
N ASN A 311 -35.85 -19.42 -7.14
CA ASN A 311 -37.04 -19.67 -7.94
C ASN A 311 -38.11 -18.62 -7.69
N GLU A 312 -38.21 -18.13 -6.45
CA GLU A 312 -39.06 -17.02 -6.06
C GLU A 312 -38.60 -15.68 -6.66
N ALA A 313 -37.62 -15.70 -7.58
CA ALA A 313 -37.21 -14.47 -8.26
C ALA A 313 -36.95 -14.69 -9.74
N ARG A 314 -37.27 -15.86 -10.30
CA ARG A 314 -36.98 -16.13 -11.70
C ARG A 314 -37.96 -15.43 -12.63
N PRO A 315 -37.51 -14.45 -13.43
CA PRO A 315 -38.37 -13.87 -14.46
C PRO A 315 -38.96 -14.97 -15.33
N ASP A 316 -40.28 -14.90 -15.53
CA ASP A 316 -40.99 -15.88 -16.35
C ASP A 316 -40.21 -16.16 -17.63
N ASN A 317 -40.00 -17.45 -17.90
CA ASN A 317 -39.32 -17.95 -19.10
C ASN A 317 -37.81 -17.70 -19.08
N PHE A 318 -37.22 -17.40 -17.91
CA PHE A 318 -35.77 -17.24 -17.87
C PHE A 318 -35.09 -18.61 -17.77
N PRO A 319 -33.99 -18.82 -18.50
CA PRO A 319 -33.48 -20.17 -18.71
C PRO A 319 -32.39 -20.58 -17.71
N ASP A 320 -32.26 -21.90 -17.57
CA ASP A 320 -31.11 -22.49 -16.93
C ASP A 320 -29.85 -22.11 -17.70
N ASP A 321 -28.71 -22.13 -16.99
CA ASP A 321 -27.43 -21.74 -17.56
C ASP A 321 -26.37 -22.77 -17.20
N LEU A 322 -25.36 -22.89 -18.06
CA LEU A 322 -24.36 -23.93 -17.86
C LEU A 322 -23.30 -23.56 -16.83
N ASP A 323 -23.25 -22.31 -16.37
CA ASP A 323 -22.28 -21.96 -15.35
C ASP A 323 -22.73 -22.45 -13.97
N THR A 324 -23.97 -22.13 -13.60
CA THR A 324 -24.53 -22.60 -12.35
C THR A 324 -24.70 -24.13 -12.36
N THR A 325 -25.24 -24.67 -13.47
CA THR A 325 -25.40 -26.12 -13.59
C THR A 325 -24.06 -26.86 -13.51
N SER A 326 -23.07 -26.44 -14.31
CA SER A 326 -21.75 -27.05 -14.28
C SER A 326 -21.15 -27.03 -12.88
N MET A 327 -21.25 -25.90 -12.19
CA MET A 327 -20.54 -25.82 -10.91
C MET A 327 -21.19 -26.72 -9.89
N VAL A 328 -22.52 -26.68 -9.81
CA VAL A 328 -23.23 -27.50 -8.84
C VAL A 328 -22.99 -28.98 -9.12
N LEU A 329 -23.19 -29.40 -10.37
CA LEU A 329 -23.01 -30.82 -10.68
C LEU A 329 -21.60 -31.25 -10.32
N SER A 330 -20.60 -30.47 -10.73
CA SER A 330 -19.21 -30.78 -10.40
C SER A 330 -19.02 -30.96 -8.92
N PHE A 331 -19.70 -30.15 -8.11
CA PHE A 331 -19.58 -30.23 -6.66
C PHE A 331 -20.30 -31.45 -6.10
N LEU A 332 -21.51 -31.74 -6.60
CA LEU A 332 -22.29 -32.87 -6.10
C LEU A 332 -21.61 -34.19 -6.41
N LEU A 333 -20.99 -34.29 -7.60
CA LEU A 333 -20.21 -35.46 -7.95
C LEU A 333 -19.01 -35.59 -7.03
N ASN A 334 -18.29 -34.51 -6.83
CA ASN A 334 -17.11 -34.55 -5.98
C ASN A 334 -17.45 -34.89 -4.53
N HIS A 335 -18.69 -34.68 -4.10
CA HIS A 335 -19.10 -35.05 -2.75
C HIS A 335 -19.91 -36.34 -2.71
N ASN A 336 -20.04 -37.03 -3.84
CA ASN A 336 -20.69 -38.33 -3.96
C ASN A 336 -22.18 -38.26 -3.64
N LYS A 337 -22.79 -37.09 -3.73
CA LYS A 337 -24.25 -37.02 -3.73
C LYS A 337 -24.83 -37.40 -5.08
N LEU A 338 -23.98 -37.63 -6.08
CA LEU A 338 -24.39 -37.92 -7.44
C LEU A 338 -23.38 -38.90 -8.03
N THR A 339 -23.71 -39.42 -9.22
CA THR A 339 -22.83 -40.31 -9.95
C THR A 339 -22.63 -39.78 -11.35
N ILE A 340 -21.61 -40.30 -12.02
CA ILE A 340 -21.42 -39.98 -13.43
C ILE A 340 -22.69 -40.30 -14.20
N GLU A 341 -23.35 -41.41 -13.85
CA GLU A 341 -24.50 -41.86 -14.62
C GLU A 341 -25.66 -40.87 -14.51
N LYS A 342 -25.86 -40.26 -13.35
CA LYS A 342 -26.92 -39.26 -13.26
C LYS A 342 -26.61 -38.03 -14.10
N ILE A 343 -25.32 -37.74 -14.35
CA ILE A 343 -24.92 -36.46 -14.92
C ILE A 343 -24.91 -36.48 -16.44
N ILE A 344 -24.56 -37.62 -17.04
CA ILE A 344 -24.43 -37.78 -18.48
C ILE A 344 -25.57 -37.15 -19.28
N PRO A 345 -26.86 -37.34 -18.94
CA PRO A 345 -27.91 -36.68 -19.74
C PRO A 345 -27.75 -35.18 -19.85
N VAL A 346 -27.36 -34.49 -18.79
CA VAL A 346 -27.26 -33.04 -18.95
C VAL A 346 -25.90 -32.68 -19.54
N ALA A 347 -24.89 -33.53 -19.38
CA ALA A 347 -23.64 -33.32 -20.11
C ALA A 347 -23.86 -33.36 -21.62
N GLU A 348 -24.64 -34.36 -22.09
CA GLU A 348 -24.96 -34.47 -23.51
C GLU A 348 -25.82 -33.31 -23.99
N GLN A 349 -26.63 -32.74 -23.09
CA GLN A 349 -27.36 -31.52 -23.43
C GLN A 349 -26.44 -30.33 -23.54
N MET A 350 -25.28 -30.37 -22.87
CA MET A 350 -24.31 -29.30 -23.02
C MET A 350 -23.54 -29.43 -24.32
N ILE A 351 -23.14 -30.65 -24.66
CA ILE A 351 -22.49 -30.92 -25.92
C ILE A 351 -23.40 -30.56 -27.10
N ALA A 352 -24.71 -30.52 -26.88
CA ALA A 352 -25.65 -30.12 -27.93
C ALA A 352 -25.98 -28.63 -27.90
N ASN A 353 -25.25 -27.85 -27.12
CA ASN A 353 -25.52 -26.42 -26.93
C ASN A 353 -24.45 -25.54 -27.56
N ARG A 354 -23.93 -25.92 -28.73
CA ARG A 354 -22.83 -25.22 -29.36
C ARG A 354 -23.32 -24.30 -30.48
N ASN A 355 -22.72 -23.12 -30.57
CA ASN A 355 -23.04 -22.18 -31.64
C ASN A 355 -22.38 -22.61 -32.95
N GLU A 356 -22.53 -21.78 -33.99
CA GLU A 356 -22.07 -22.16 -35.32
C GLU A 356 -20.56 -22.34 -35.34
N GLU A 357 -19.83 -21.47 -34.61
CA GLU A 357 -18.39 -21.64 -34.47
C GLU A 357 -18.02 -22.90 -33.68
N GLY A 358 -19.01 -23.60 -33.11
CA GLY A 358 -18.79 -24.85 -32.43
C GLY A 358 -18.49 -24.75 -30.96
N ILE A 359 -18.52 -23.53 -30.38
CA ILE A 359 -18.22 -23.28 -28.98
C ILE A 359 -19.49 -23.46 -28.15
N ILE A 360 -19.36 -24.11 -26.99
CA ILE A 360 -20.49 -24.36 -26.10
C ILE A 360 -20.93 -23.05 -25.45
N GLN A 361 -22.24 -22.87 -25.32
CA GLN A 361 -22.81 -21.58 -24.96
C GLN A 361 -23.33 -21.53 -23.52
N VAL A 362 -23.67 -20.30 -23.10
CA VAL A 362 -23.94 -19.99 -21.70
C VAL A 362 -25.31 -20.53 -21.26
N TYR A 363 -26.36 -20.37 -22.07
CA TYR A 363 -27.72 -20.65 -21.63
C TYR A 363 -28.28 -21.93 -22.26
N PHE A 364 -29.19 -22.57 -21.54
CA PHE A 364 -30.02 -23.62 -22.13
C PHE A 364 -31.23 -22.96 -22.80
N ASP A 365 -30.94 -22.24 -23.88
CA ASP A 365 -31.97 -21.44 -24.54
C ASP A 365 -31.42 -20.94 -25.86
N ASP A 366 -32.11 -21.25 -26.95
CA ASP A 366 -31.59 -20.91 -28.26
C ASP A 366 -31.92 -19.49 -28.68
N ASN A 367 -32.63 -18.76 -27.83
CA ASN A 367 -32.92 -17.36 -28.10
C ASN A 367 -31.97 -16.45 -27.34
N ARG A 368 -30.97 -17.01 -26.64
CA ARG A 368 -29.97 -16.23 -25.93
C ARG A 368 -28.58 -16.81 -26.17
N PRO A 369 -28.14 -16.83 -27.41
CA PRO A 369 -26.78 -17.31 -27.68
C PRO A 369 -25.72 -16.42 -27.06
N ARG A 370 -25.13 -16.84 -25.94
CA ARG A 370 -23.94 -16.16 -25.41
C ARG A 370 -22.83 -17.19 -25.22
N ILE A 371 -21.61 -16.67 -25.06
CA ILE A 371 -20.43 -17.47 -24.79
C ILE A 371 -19.56 -16.69 -23.82
N ASP A 372 -18.80 -17.43 -23.02
CA ASP A 372 -17.95 -16.85 -21.98
C ASP A 372 -16.81 -17.82 -21.69
N ALA A 373 -15.59 -17.30 -21.64
CA ALA A 373 -14.42 -18.14 -21.41
C ALA A 373 -14.52 -18.95 -20.11
N ILE A 374 -14.79 -18.28 -18.98
CA ILE A 374 -14.86 -18.98 -17.71
C ILE A 374 -15.98 -20.03 -17.70
N VAL A 375 -17.12 -19.70 -18.29
CA VAL A 375 -18.20 -20.68 -18.35
C VAL A 375 -17.78 -21.91 -19.16
N ALA A 376 -17.08 -21.70 -20.28
CA ALA A 376 -16.51 -22.81 -21.04
C ALA A 376 -15.51 -23.61 -20.20
N ILE A 377 -14.63 -22.91 -19.47
CA ILE A 377 -13.75 -23.55 -18.49
C ILE A 377 -14.55 -24.46 -17.55
N ASN A 378 -15.66 -23.95 -17.02
CA ASN A 378 -16.41 -24.74 -16.04
C ASN A 378 -17.16 -25.90 -16.69
N VAL A 379 -17.59 -25.77 -17.95
CA VAL A 379 -18.19 -26.90 -18.65
C VAL A 379 -17.12 -27.93 -18.99
N LEU A 380 -15.98 -27.47 -19.51
CA LEU A 380 -14.88 -28.39 -19.75
C LEU A 380 -14.42 -29.08 -18.46
N TYR A 381 -14.56 -28.41 -17.30
CA TYR A 381 -14.16 -29.03 -16.05
C TYR A 381 -15.05 -30.22 -15.72
N LEU A 382 -16.37 -30.01 -15.67
CA LEU A 382 -17.27 -31.13 -15.42
C LEU A 382 -17.07 -32.23 -16.45
N MET A 383 -16.84 -31.84 -17.71
CA MET A 383 -16.78 -32.83 -18.77
C MET A 383 -15.66 -33.82 -18.50
N HIS A 384 -14.50 -33.31 -18.10
CA HIS A 384 -13.37 -34.18 -17.76
C HIS A 384 -13.64 -34.98 -16.50
N GLN A 385 -14.35 -34.37 -15.54
CA GLN A 385 -14.69 -35.08 -14.32
C GLN A 385 -15.44 -36.37 -14.61
N ILE A 386 -16.35 -36.36 -15.59
CA ILE A 386 -17.20 -37.53 -15.82
C ILE A 386 -16.64 -38.47 -16.87
N GLY A 387 -15.42 -38.24 -17.34
CA GLY A 387 -14.80 -39.12 -18.31
C GLY A 387 -15.11 -38.79 -19.75
N TYR A 388 -15.65 -37.60 -20.01
CA TYR A 388 -15.97 -37.11 -21.35
C TYR A 388 -14.88 -36.22 -21.91
N GLY A 389 -13.69 -36.20 -21.29
CA GLY A 389 -12.71 -35.20 -21.62
C GLY A 389 -12.29 -35.18 -23.08
N GLU A 390 -12.36 -36.33 -23.75
CA GLU A 390 -11.88 -36.42 -25.13
C GLU A 390 -13.01 -36.55 -26.14
N ARG A 391 -14.21 -36.18 -25.79
CA ARG A 391 -15.27 -36.08 -26.77
C ARG A 391 -14.90 -35.04 -27.84
N LYS A 392 -14.86 -35.47 -29.11
CA LYS A 392 -14.43 -34.59 -30.17
C LYS A 392 -15.25 -33.32 -30.26
N GLU A 393 -16.47 -33.32 -29.71
CA GLU A 393 -17.28 -32.11 -29.76
C GLU A 393 -16.77 -31.00 -28.86
N LEU A 394 -15.85 -31.31 -27.95
CA LEU A 394 -15.35 -30.27 -27.06
C LEU A 394 -14.23 -29.46 -27.68
N LYS A 395 -13.67 -29.93 -28.81
CA LYS A 395 -12.46 -29.33 -29.36
C LYS A 395 -12.61 -27.82 -29.51
N GLU A 396 -13.65 -27.38 -30.20
CA GLU A 396 -13.74 -25.96 -30.51
C GLU A 396 -13.82 -25.12 -29.23
N THR A 397 -14.43 -25.67 -28.17
CA THR A 397 -14.55 -24.96 -26.88
C THR A 397 -13.23 -24.94 -26.11
N GLU A 398 -12.47 -26.03 -26.13
CA GLU A 398 -11.13 -26.00 -25.54
C GLU A 398 -10.23 -25.01 -26.30
N ALA A 399 -10.30 -25.04 -27.63
CA ALA A 399 -9.52 -24.11 -28.46
C ALA A 399 -9.77 -22.67 -28.05
N PHE A 400 -11.05 -22.30 -28.00
CA PHE A 400 -11.45 -20.96 -27.58
C PHE A 400 -10.82 -20.58 -26.25
N VAL A 401 -10.82 -21.50 -25.27
CA VAL A 401 -10.25 -21.20 -23.95
C VAL A 401 -8.76 -20.94 -24.05
N PHE A 402 -8.07 -21.68 -24.93
CA PHE A 402 -6.63 -21.54 -25.06
C PHE A 402 -6.25 -20.20 -25.66
N ASP A 403 -6.93 -19.80 -26.74
CA ASP A 403 -6.59 -18.53 -27.38
C ASP A 403 -6.92 -17.35 -26.49
N PHE A 404 -7.96 -17.46 -25.66
CA PHE A 404 -8.27 -16.41 -24.70
C PHE A 404 -7.11 -16.20 -23.73
N LEU A 405 -6.43 -17.28 -23.35
CA LEU A 405 -5.20 -17.14 -22.57
C LEU A 405 -4.08 -16.56 -23.42
N ILE A 406 -3.67 -17.28 -24.48
CA ILE A 406 -2.40 -16.97 -25.16
C ILE A 406 -2.43 -15.57 -25.76
N SER A 407 -3.58 -15.14 -26.27
CA SER A 407 -3.70 -13.81 -26.83
C SER A 407 -3.72 -12.71 -25.79
N LYS A 408 -3.70 -13.03 -24.50
CA LYS A 408 -3.85 -12.06 -23.42
C LYS A 408 -5.19 -11.29 -23.52
N GLU A 409 -6.16 -11.85 -24.24
CA GLU A 409 -7.51 -11.28 -24.28
C GLU A 409 -8.19 -11.31 -22.91
N TYR A 410 -7.76 -12.24 -22.03
CA TYR A 410 -8.32 -12.36 -20.68
C TYR A 410 -8.15 -11.08 -19.88
N LEU A 411 -7.14 -10.27 -20.21
CA LEU A 411 -6.93 -8.98 -19.56
C LEU A 411 -8.08 -8.02 -19.81
N LYS A 412 -8.91 -8.27 -20.80
CA LYS A 412 -10.08 -7.45 -21.02
C LYS A 412 -11.31 -7.96 -20.25
N GLY A 413 -11.17 -9.05 -19.48
CA GLY A 413 -12.28 -9.69 -18.80
C GLY A 413 -13.06 -10.63 -19.71
N THR A 414 -13.95 -11.41 -19.09
CA THR A 414 -14.91 -12.18 -19.86
C THR A 414 -16.24 -11.46 -19.80
N ARG A 415 -17.24 -12.01 -20.50
CA ARG A 415 -18.54 -11.35 -20.56
C ARG A 415 -19.14 -11.10 -19.17
N TYR A 416 -18.96 -12.05 -18.26
CA TYR A 416 -19.57 -11.99 -16.94
C TYR A 416 -18.58 -11.76 -15.82
N TYR A 417 -17.30 -11.99 -16.06
CA TYR A 417 -16.28 -11.85 -15.02
C TYR A 417 -15.27 -10.79 -15.44
N PRO A 418 -15.32 -9.60 -14.83
CA PRO A 418 -14.40 -8.54 -15.25
C PRO A 418 -12.96 -8.81 -14.88
N ALA A 419 -12.67 -9.42 -13.74
CA ALA A 419 -11.30 -9.40 -13.24
C ALA A 419 -10.46 -10.44 -13.96
N PRO A 420 -9.33 -10.06 -14.56
CA PRO A 420 -8.51 -11.04 -15.28
C PRO A 420 -8.04 -12.19 -14.39
N ASP A 421 -7.87 -11.97 -13.09
CA ASP A 421 -7.39 -13.07 -12.26
C ASP A 421 -8.45 -14.14 -12.04
N VAL A 422 -9.73 -13.83 -12.23
CA VAL A 422 -10.77 -14.85 -12.09
C VAL A 422 -10.62 -15.91 -13.17
N PHE A 423 -10.44 -15.49 -14.43
CA PHE A 423 -10.19 -16.44 -15.52
C PHE A 423 -8.92 -17.27 -15.27
N LEU A 424 -7.85 -16.65 -14.78
CA LEU A 424 -6.65 -17.42 -14.51
C LEU A 424 -6.89 -18.43 -13.40
N PHE A 425 -7.75 -18.06 -12.44
CA PHE A 425 -8.01 -18.94 -11.31
C PHE A 425 -8.81 -20.16 -11.73
N PHE A 426 -9.89 -19.96 -12.52
CA PHE A 426 -10.65 -21.11 -12.99
C PHE A 426 -9.83 -21.95 -13.97
N LEU A 427 -9.05 -21.30 -14.83
CA LEU A 427 -8.22 -22.06 -15.75
C LEU A 427 -7.26 -22.99 -15.00
N SER A 428 -6.65 -22.50 -13.90
CA SER A 428 -5.67 -23.30 -13.16
C SER A 428 -6.32 -24.51 -12.46
N ARG A 429 -7.58 -24.39 -12.04
CA ARG A 429 -8.28 -25.57 -11.56
C ARG A 429 -8.33 -26.63 -12.66
N LEU A 430 -8.80 -26.24 -13.85
CA LEU A 430 -8.91 -27.16 -14.97
C LEU A 430 -7.55 -27.74 -15.35
N VAL A 431 -6.51 -26.89 -15.46
CA VAL A 431 -5.19 -27.31 -15.94
C VAL A 431 -4.54 -28.27 -14.95
N VAL A 432 -4.61 -27.94 -13.67
CA VAL A 432 -3.91 -28.72 -12.65
C VAL A 432 -4.64 -30.03 -12.32
N ASP A 433 -5.98 -30.01 -12.26
CA ASP A 433 -6.66 -31.22 -11.80
C ASP A 433 -6.76 -32.31 -12.86
N PHE A 434 -6.36 -32.03 -14.10
CA PHE A 434 -6.35 -33.05 -15.15
C PHE A 434 -5.00 -32.99 -15.86
N PRO A 435 -3.92 -33.38 -15.17
CA PRO A 435 -2.60 -33.34 -15.79
C PRO A 435 -2.54 -34.24 -17.01
N ASP A 436 -1.65 -33.88 -17.93
CA ASP A 436 -1.46 -34.60 -19.19
C ASP A 436 -2.71 -34.51 -20.06
N GLN A 437 -3.75 -33.79 -19.63
CA GLN A 437 -4.86 -33.45 -20.51
C GLN A 437 -4.86 -31.99 -20.96
N PHE A 438 -4.07 -31.12 -20.30
CA PHE A 438 -4.04 -29.67 -20.54
C PHE A 438 -2.64 -29.11 -20.45
N GLU A 439 -1.63 -29.86 -20.90
CA GLU A 439 -0.25 -29.46 -20.61
C GLU A 439 0.21 -28.26 -21.41
N LYS A 440 -0.36 -28.03 -22.59
CA LYS A 440 -0.01 -26.81 -23.32
C LYS A 440 -0.44 -25.56 -22.56
N PHE A 441 -1.38 -25.67 -21.63
CA PHE A 441 -1.80 -24.50 -20.85
C PHE A 441 -0.83 -24.20 -19.72
N HIS A 442 -0.13 -25.22 -19.21
CA HIS A 442 0.51 -25.10 -17.91
C HIS A 442 1.46 -23.92 -17.85
N LYS A 443 2.42 -23.89 -18.77
CA LYS A 443 3.54 -22.96 -18.68
C LYS A 443 3.14 -21.54 -19.07
N PRO A 444 2.33 -21.33 -20.13
CA PRO A 444 1.80 -19.97 -20.37
C PRO A 444 1.01 -19.39 -19.22
N LEU A 445 0.14 -20.19 -18.58
CA LEU A 445 -0.70 -19.70 -17.49
C LEU A 445 0.11 -19.36 -16.24
N THR A 446 0.97 -20.28 -15.79
CA THR A 446 1.91 -19.95 -14.73
C THR A 446 2.65 -18.66 -15.03
N GLU A 447 3.10 -18.51 -16.28
CA GLU A 447 3.86 -17.31 -16.66
C GLU A 447 3.04 -16.04 -16.44
N MET A 448 1.79 -16.00 -16.91
CA MET A 448 0.96 -14.83 -16.65
C MET A 448 0.82 -14.58 -15.15
N LEU A 449 0.46 -15.63 -14.41
CA LEU A 449 0.27 -15.50 -12.98
C LEU A 449 1.50 -14.91 -12.31
N ILE A 450 2.69 -15.38 -12.68
CA ILE A 450 3.92 -14.85 -12.11
C ILE A 450 4.00 -13.34 -12.35
N THR A 451 3.61 -12.89 -13.53
CA THR A 451 3.81 -11.47 -13.82
C THR A 451 2.74 -10.60 -13.20
N ARG A 452 1.67 -11.21 -12.70
CA ARG A 452 0.59 -10.48 -12.06
C ARG A 452 0.71 -10.46 -10.55
N VAL A 453 1.80 -11.02 -10.01
CA VAL A 453 2.00 -11.02 -8.56
C VAL A 453 2.00 -9.59 -8.06
N ASN A 454 1.11 -9.30 -7.11
CA ASN A 454 1.05 -8.00 -6.44
C ASN A 454 0.66 -6.90 -7.42
N CYS A 455 -0.21 -7.22 -8.38
CA CYS A 455 -0.63 -6.28 -9.40
C CYS A 455 -1.98 -5.61 -9.12
N SER A 456 -2.70 -6.03 -8.08
CA SER A 456 -3.94 -5.35 -7.69
C SER A 456 -4.08 -5.50 -6.19
N THR A 457 -4.91 -4.64 -5.61
CA THR A 457 -4.97 -4.57 -4.14
C THR A 457 -6.12 -5.38 -3.56
N PHE A 458 -7.17 -5.58 -4.33
CA PHE A 458 -8.38 -6.25 -3.87
C PHE A 458 -8.04 -7.60 -3.26
N PRO A 459 -8.43 -7.85 -2.01
CA PRO A 459 -8.10 -9.14 -1.39
C PRO A 459 -8.54 -10.35 -2.19
N LEU A 460 -9.78 -10.39 -2.69
CA LEU A 460 -10.21 -11.57 -3.44
C LEU A 460 -9.29 -11.83 -4.61
N GLU A 461 -8.85 -10.78 -5.31
CA GLU A 461 -7.94 -10.99 -6.42
C GLU A 461 -6.59 -11.47 -5.94
N ARG A 462 -6.16 -11.01 -4.75
CA ARG A 462 -4.91 -11.51 -4.19
C ARG A 462 -5.00 -12.99 -3.90
N ALA A 463 -6.12 -13.42 -3.33
CA ALA A 463 -6.27 -14.79 -2.91
C ALA A 463 -6.30 -15.72 -4.11
N LEU A 464 -6.95 -15.29 -5.20
CA LEU A 464 -6.96 -16.12 -6.41
C LEU A 464 -5.55 -16.34 -6.92
N ARG A 465 -4.72 -15.31 -6.91
CA ARG A 465 -3.35 -15.46 -7.38
C ARG A 465 -2.54 -16.38 -6.48
N ILE A 466 -2.78 -16.34 -5.17
CA ILE A 466 -2.04 -17.21 -4.25
C ILE A 466 -2.43 -18.68 -4.47
N ILE A 467 -3.73 -18.99 -4.42
CA ILE A 467 -4.19 -20.36 -4.68
C ILE A 467 -3.68 -20.85 -6.02
N ALA A 468 -3.90 -20.07 -7.08
CA ALA A 468 -3.58 -20.53 -8.42
C ALA A 468 -2.10 -20.81 -8.56
N LEU A 469 -1.26 -19.87 -8.12
CA LEU A 469 0.18 -20.10 -8.21
C LEU A 469 0.61 -21.28 -7.36
N LYS A 470 0.03 -21.41 -6.15
CA LYS A 470 0.41 -22.53 -5.30
C LYS A 470 0.04 -23.87 -5.94
N LYS A 471 -1.18 -23.96 -6.48
CA LYS A 471 -1.59 -25.12 -7.27
C LYS A 471 -0.61 -25.42 -8.39
N LEU A 472 0.12 -24.41 -8.88
CA LEU A 472 1.07 -24.59 -9.97
C LEU A 472 2.52 -24.68 -9.46
N GLY A 473 2.71 -24.92 -8.17
CA GLY A 473 4.02 -25.18 -7.64
C GLY A 473 4.82 -23.97 -7.18
N ILE A 474 4.22 -22.79 -7.09
CA ILE A 474 4.97 -21.58 -6.79
C ILE A 474 4.32 -20.87 -5.60
N VAL A 475 5.14 -20.49 -4.63
CA VAL A 475 4.67 -19.94 -3.37
C VAL A 475 4.66 -18.42 -3.46
N ASN A 476 3.49 -17.81 -3.34
CA ASN A 476 3.28 -16.37 -3.44
C ASN A 476 3.05 -15.82 -2.04
N ARG A 477 4.14 -15.63 -1.31
CA ARG A 477 4.02 -15.05 0.03
C ARG A 477 3.80 -13.54 -0.01
N VAL A 478 4.07 -12.89 -1.14
CA VAL A 478 3.92 -11.44 -1.24
C VAL A 478 2.45 -11.05 -1.18
N ASP A 479 1.63 -11.61 -2.08
CA ASP A 479 0.19 -11.34 -2.06
C ASP A 479 -0.47 -11.78 -0.74
N PHE A 480 0.09 -12.81 -0.11
CA PHE A 480 -0.47 -13.38 1.11
C PHE A 480 -0.31 -12.43 2.30
N LEU A 481 0.87 -11.84 2.45
CA LEU A 481 1.09 -10.87 3.51
C LEU A 481 0.24 -9.62 3.32
N LYS A 482 0.04 -9.19 2.06
CA LYS A 482 -0.84 -8.03 1.84
C LYS A 482 -2.29 -8.39 2.12
N LEU A 483 -2.69 -9.63 1.85
CA LEU A 483 -4.02 -10.13 2.19
C LEU A 483 -4.29 -10.02 3.68
N LEU A 484 -3.34 -10.47 4.51
CA LEU A 484 -3.50 -10.39 5.95
C LEU A 484 -3.67 -8.95 6.46
N ASP A 485 -3.18 -7.96 5.71
CA ASP A 485 -3.31 -6.59 6.16
C ASP A 485 -4.71 -6.03 5.99
N THR A 486 -5.55 -6.66 5.20
CA THR A 486 -6.80 -6.06 4.78
C THR A 486 -7.99 -6.79 5.35
N GLN A 487 -7.76 -7.72 6.26
CA GLN A 487 -8.85 -8.29 7.04
C GLN A 487 -9.35 -7.25 8.02
N LEU A 488 -10.67 -7.11 8.13
CA LEU A 488 -11.27 -6.14 9.03
C LEU A 488 -11.41 -6.75 10.42
N ALA A 489 -11.78 -5.93 11.39
CA ALA A 489 -11.61 -6.34 12.79
C ALA A 489 -12.63 -7.37 13.25
N ASP A 490 -13.77 -7.50 12.55
CA ASP A 490 -14.76 -8.54 12.84
C ASP A 490 -14.39 -9.87 12.20
N GLY A 491 -13.22 -9.97 11.58
CA GLY A 491 -12.75 -11.20 11.01
C GLY A 491 -12.96 -11.34 9.52
N GLY A 492 -13.85 -10.55 8.92
CA GLY A 492 -14.14 -10.68 7.52
C GLY A 492 -13.29 -9.77 6.63
N TRP A 493 -13.24 -10.12 5.37
CA TRP A 493 -12.64 -9.26 4.36
C TRP A 493 -13.72 -8.45 3.68
N PRO A 494 -13.34 -7.40 2.94
CA PRO A 494 -14.35 -6.48 2.41
C PRO A 494 -15.12 -7.09 1.25
N VAL A 495 -16.25 -6.46 0.91
CA VAL A 495 -17.08 -6.97 -0.16
C VAL A 495 -16.35 -6.81 -1.51
N TYR A 496 -16.64 -7.72 -2.44
CA TYR A 496 -16.04 -7.70 -3.78
C TYR A 496 -17.07 -8.09 -4.83
N GLY A 497 -17.12 -7.33 -5.91
CA GLY A 497 -17.94 -7.64 -7.06
C GLY A 497 -17.30 -8.64 -7.99
N LEU A 498 -17.65 -9.92 -7.81
CA LEU A 498 -17.02 -11.02 -8.53
C LEU A 498 -17.55 -11.15 -9.95
N PHE A 499 -18.85 -11.08 -10.14
CA PHE A 499 -19.41 -11.24 -11.49
C PHE A 499 -20.33 -10.06 -11.79
N ILE A 500 -20.89 -10.07 -13.00
CA ILE A 500 -21.46 -8.85 -13.55
C ILE A 500 -22.57 -9.19 -14.51
N ALA A 501 -23.59 -8.33 -14.55
CA ALA A 501 -24.64 -8.43 -15.54
C ALA A 501 -24.32 -7.47 -16.67
N PRO A 502 -23.95 -7.94 -17.87
CA PRO A 502 -23.38 -7.01 -18.85
C PRO A 502 -24.35 -5.94 -19.35
N ARG A 503 -25.63 -6.27 -19.55
CA ARG A 503 -26.59 -5.28 -20.03
C ARG A 503 -26.55 -4.02 -19.16
N SER A 504 -26.92 -4.17 -17.89
CA SER A 504 -26.96 -3.04 -16.99
C SER A 504 -25.63 -2.74 -16.32
N ASN A 505 -24.62 -3.60 -16.50
CA ASN A 505 -23.28 -3.40 -15.94
C ASN A 505 -23.29 -3.40 -14.41
N THR A 506 -23.99 -4.39 -13.84
CA THR A 506 -24.23 -4.50 -12.41
C THR A 506 -23.25 -5.49 -11.78
N TYR A 507 -22.54 -5.04 -10.74
CA TYR A 507 -21.64 -5.91 -9.99
C TYR A 507 -22.39 -6.63 -8.87
N PHE A 508 -22.12 -7.93 -8.73
CA PHE A 508 -22.65 -8.76 -7.66
C PHE A 508 -21.52 -9.23 -6.77
N GLY A 509 -21.75 -9.32 -5.46
CA GLY A 509 -20.73 -9.90 -4.60
C GLY A 509 -21.11 -9.85 -3.14
N SER A 510 -20.16 -10.25 -2.29
CA SER A 510 -20.41 -10.27 -0.85
C SER A 510 -19.10 -10.33 -0.07
N ARG A 511 -19.20 -9.98 1.22
CA ARG A 511 -18.12 -10.24 2.16
C ARG A 511 -17.91 -11.73 2.34
N GLU A 512 -18.95 -12.54 2.08
CA GLU A 512 -18.81 -13.98 2.19
C GLU A 512 -17.91 -14.54 1.10
N LEU A 513 -18.06 -14.05 -0.13
CA LEU A 513 -17.20 -14.50 -1.21
C LEU A 513 -15.75 -14.15 -0.94
N SER A 514 -15.49 -12.91 -0.50
CA SER A 514 -14.11 -12.52 -0.23
C SER A 514 -13.50 -13.38 0.86
N THR A 515 -14.20 -13.47 2.00
CA THR A 515 -13.63 -14.14 3.16
C THR A 515 -13.34 -15.61 2.84
N ALA A 516 -14.21 -16.23 2.06
CA ALA A 516 -14.05 -17.63 1.70
C ALA A 516 -12.73 -17.86 0.93
N PHE A 517 -12.49 -17.07 -0.12
CA PHE A 517 -11.26 -17.23 -0.90
C PHE A 517 -10.02 -16.77 -0.13
N ALA A 518 -10.14 -15.73 0.70
CA ALA A 518 -9.02 -15.33 1.53
C ALA A 518 -8.61 -16.47 2.45
N LEU A 519 -9.59 -17.08 3.13
CA LEU A 519 -9.31 -18.19 4.02
C LEU A 519 -8.74 -19.39 3.28
N GLU A 520 -9.28 -19.67 2.08
CA GLU A 520 -8.70 -20.73 1.26
C GLU A 520 -7.25 -20.47 1.00
N ALA A 521 -6.91 -19.21 0.72
CA ALA A 521 -5.53 -18.85 0.39
C ALA A 521 -4.62 -18.96 1.61
N LEU A 522 -5.07 -18.46 2.77
CA LEU A 522 -4.34 -18.71 4.00
C LEU A 522 -4.14 -20.20 4.23
N HIS A 523 -5.20 -20.98 3.97
CA HIS A 523 -5.14 -22.41 4.24
C HIS A 523 -4.14 -23.11 3.33
N ILE A 524 -3.98 -22.66 2.09
CA ILE A 524 -3.12 -23.35 1.14
C ILE A 524 -1.64 -22.96 1.28
N LEU A 525 -1.34 -21.77 1.79
CA LEU A 525 0.03 -21.31 1.99
C LEU A 525 0.49 -21.52 3.42
N SER A 526 -0.03 -22.56 4.07
CA SER A 526 0.21 -22.82 5.48
C SER A 526 0.33 -24.32 5.73
N ILE B 14 -10.86 6.60 45.51
CA ILE B 14 -11.28 7.72 44.67
C ILE B 14 -11.48 8.96 45.54
N THR B 15 -11.99 10.04 44.93
CA THR B 15 -12.41 11.22 45.68
C THR B 15 -13.41 12.02 44.87
N SER B 16 -14.69 11.68 45.00
CA SER B 16 -15.76 12.28 44.23
C SER B 16 -15.71 13.80 44.34
N LEU B 17 -15.64 14.47 43.19
CA LEU B 17 -15.51 15.91 43.13
C LEU B 17 -16.79 16.50 42.54
N GLN B 18 -17.22 17.65 43.08
CA GLN B 18 -18.46 18.24 42.58
C GLN B 18 -18.48 19.75 42.81
N GLU B 19 -17.33 20.38 43.00
CA GLU B 19 -17.22 21.80 43.25
C GLU B 19 -15.93 22.28 42.62
N LEU B 20 -15.94 23.55 42.19
CA LEU B 20 -14.78 24.22 41.60
C LEU B 20 -13.47 23.74 42.19
N SER B 21 -12.83 22.79 41.50
CA SER B 21 -11.63 22.12 42.01
C SER B 21 -10.38 22.69 41.37
N GLN B 22 -9.28 22.64 42.12
CA GLN B 22 -7.97 23.01 41.60
C GLN B 22 -6.97 21.86 41.76
N ILE B 23 -7.46 20.65 41.98
CA ILE B 23 -6.62 19.44 42.05
C ILE B 23 -5.87 19.30 40.73
N LEU B 24 -6.39 20.00 39.71
CA LEU B 24 -5.73 20.05 38.41
C LEU B 24 -4.37 20.74 38.51
N ASP B 25 -4.32 21.93 39.11
CA ASP B 25 -3.07 22.68 39.20
C ASP B 25 -1.99 21.93 39.98
N ARG B 26 -2.34 20.80 40.60
CA ARG B 26 -1.40 19.89 41.24
C ARG B 26 -0.69 18.99 40.24
N TYR B 27 -0.80 19.27 38.94
CA TYR B 27 -0.25 18.44 37.90
C TYR B 27 0.31 19.29 36.78
N ASP B 28 1.31 18.76 36.07
CA ASP B 28 1.99 19.44 34.98
C ASP B 28 1.39 19.19 33.61
N THR B 29 0.82 18.00 33.39
CA THR B 29 0.26 17.64 32.10
C THR B 29 -1.21 17.26 32.26
N ILE B 30 -2.06 17.87 31.43
CA ILE B 30 -3.49 17.58 31.38
C ILE B 30 -3.81 17.00 30.01
N VAL B 31 -4.30 15.77 30.01
CA VAL B 31 -4.69 15.05 28.79
C VAL B 31 -6.21 14.93 28.78
N PHE B 32 -6.83 15.37 27.69
CA PHE B 32 -8.27 15.31 27.51
C PHE B 32 -8.64 14.20 26.54
N ASP B 33 -9.81 13.62 26.75
CA ASP B 33 -10.53 12.94 25.69
C ASP B 33 -11.62 13.87 25.20
N LEU B 34 -12.05 13.69 23.95
CA LEU B 34 -13.07 14.55 23.38
C LEU B 34 -14.46 14.14 23.85
N GLY B 35 -14.75 12.84 23.83
CA GLY B 35 -16.08 12.33 24.12
C GLY B 35 -16.58 12.62 25.51
N ASP B 36 -17.77 13.21 25.59
CA ASP B 36 -18.46 13.66 26.81
C ASP B 36 -17.73 14.81 27.50
N VAL B 37 -16.39 14.74 27.56
CA VAL B 37 -15.62 15.75 28.27
C VAL B 37 -15.69 17.09 27.53
N LEU B 38 -15.51 17.09 26.22
CA LEU B 38 -15.60 18.33 25.45
C LEU B 38 -16.72 18.37 24.42
N LEU B 39 -17.16 17.22 23.93
CA LEU B 39 -18.19 17.13 22.92
C LEU B 39 -19.18 16.06 23.29
N HIS B 40 -20.47 16.34 23.11
CA HIS B 40 -21.51 15.36 23.36
C HIS B 40 -22.42 15.28 22.13
N TRP B 41 -22.90 14.07 21.82
CA TRP B 41 -23.76 13.85 20.66
C TRP B 41 -24.81 12.78 20.99
N ASP B 42 -25.84 12.69 20.13
CA ASP B 42 -26.96 11.77 20.29
C ASP B 42 -27.00 10.80 19.13
N SER B 43 -27.43 9.58 19.42
CA SER B 43 -27.22 8.46 18.49
C SER B 43 -28.49 7.84 17.92
N VAL B 44 -29.65 8.13 18.45
CA VAL B 44 -30.88 7.60 17.89
C VAL B 44 -31.38 8.57 16.84
N HIS B 45 -31.61 8.07 15.63
CA HIS B 45 -32.06 8.91 14.53
C HIS B 45 -33.02 8.12 13.64
N PHE B 46 -33.73 8.87 12.82
CA PHE B 46 -34.80 8.31 12.00
C PHE B 46 -34.71 8.93 10.62
N THR B 47 -35.10 8.12 9.64
CA THR B 47 -35.09 8.52 8.24
C THR B 47 -36.40 8.03 7.62
N SER B 48 -36.55 8.30 6.33
CA SER B 48 -37.71 7.80 5.60
C SER B 48 -37.68 6.30 5.39
N GLU B 49 -36.55 5.65 5.67
CA GLU B 49 -36.38 4.22 5.51
C GLU B 49 -36.60 3.52 6.84
N THR B 50 -37.42 2.47 6.84
CA THR B 50 -37.82 1.84 8.10
C THR B 50 -36.98 0.64 8.48
N LYS B 51 -36.27 0.04 7.52
CA LYS B 51 -35.46 -1.14 7.78
C LYS B 51 -34.19 -0.79 8.55
N GLY B 52 -33.76 -1.71 9.40
CA GLY B 52 -32.44 -1.64 9.98
C GLY B 52 -32.39 -0.94 11.31
N ILE B 53 -31.16 -0.84 11.82
CA ILE B 53 -30.91 -0.23 13.13
C ILE B 53 -31.43 1.20 13.17
N ASP B 54 -31.65 1.70 14.38
CA ASP B 54 -32.01 3.09 14.58
C ASP B 54 -31.07 3.80 15.55
N ASP B 55 -29.98 3.16 15.96
CA ASP B 55 -29.04 3.74 16.91
C ASP B 55 -27.62 3.64 16.36
N VAL B 56 -27.02 4.81 16.09
CA VAL B 56 -25.67 4.89 15.52
C VAL B 56 -24.65 4.23 16.45
N ARG B 57 -24.90 4.25 17.76
CA ARG B 57 -23.99 3.57 18.70
C ARG B 57 -23.87 2.08 18.41
N LYS B 58 -24.83 1.48 17.72
CA LYS B 58 -24.62 0.10 17.28
C LYS B 58 -23.54 0.02 16.20
N MET B 59 -23.39 1.06 15.37
CA MET B 59 -22.23 1.12 14.47
C MET B 59 -20.95 1.39 15.24
N VAL B 60 -20.95 2.44 16.08
CA VAL B 60 -19.74 2.88 16.78
C VAL B 60 -19.18 1.78 17.66
N LYS B 61 -20.01 0.85 18.09
CA LYS B 61 -19.56 -0.25 18.95
C LYS B 61 -19.18 -1.49 18.15
N HIS B 62 -19.47 -1.53 16.85
CA HIS B 62 -19.08 -2.66 16.02
C HIS B 62 -17.57 -2.71 15.88
N PRO B 63 -16.98 -3.90 15.81
CA PRO B 63 -15.52 -3.98 15.61
C PRO B 63 -15.02 -3.29 14.33
N VAL B 64 -15.79 -3.32 13.24
CA VAL B 64 -15.40 -2.57 12.04
C VAL B 64 -15.13 -1.11 12.37
N TRP B 65 -15.81 -0.57 13.38
CA TRP B 65 -15.57 0.84 13.70
C TRP B 65 -14.15 1.07 14.17
N GLN B 66 -13.49 0.02 14.71
CA GLN B 66 -12.10 0.10 15.13
C GLN B 66 -11.16 0.28 13.94
N ASP B 67 -11.43 -0.42 12.83
CA ASP B 67 -10.65 -0.22 11.62
C ASP B 67 -10.75 1.22 11.16
N LEU B 68 -11.96 1.78 11.21
CA LEU B 68 -12.16 3.16 10.79
C LEU B 68 -11.45 4.13 11.72
N GLU B 69 -11.40 3.81 13.01
CA GLU B 69 -10.76 4.72 13.95
C GLU B 69 -9.24 4.74 13.79
N LYS B 70 -8.67 3.62 13.38
CA LYS B 70 -7.23 3.53 13.21
C LYS B 70 -6.75 4.01 11.84
N GLY B 71 -7.61 4.59 11.02
CA GLY B 71 -7.25 4.98 9.68
C GLY B 71 -7.17 3.85 8.66
N LEU B 72 -7.43 2.59 9.03
CA LEU B 72 -7.28 1.48 8.10
C LEU B 72 -8.35 1.45 7.00
N ILE B 73 -9.46 2.15 7.19
CA ILE B 73 -10.51 2.23 6.18
C ILE B 73 -11.07 3.62 6.27
N ASN B 74 -11.83 4.02 5.25
CA ASN B 74 -12.56 5.27 5.33
C ASN B 74 -14.03 4.98 5.63
N GLN B 75 -14.82 6.05 5.70
CA GLN B 75 -16.23 5.93 6.08
C GLN B 75 -17.05 5.23 5.00
N GLU B 76 -16.70 5.44 3.73
CA GLU B 76 -17.38 4.73 2.65
C GLU B 76 -17.24 3.23 2.80
N PHE B 77 -16.02 2.77 3.01
CA PHE B 77 -15.77 1.36 3.31
C PHE B 77 -16.54 0.92 4.54
N ALA B 78 -16.33 1.58 5.66
CA ALA B 78 -16.94 1.15 6.92
C ALA B 78 -18.44 1.00 6.78
N LEU B 79 -19.06 1.95 6.09
CA LEU B 79 -20.51 1.94 5.98
C LEU B 79 -20.99 0.85 5.04
N THR B 80 -20.17 0.48 4.06
CA THR B 80 -20.55 -0.61 3.18
C THR B 80 -20.48 -1.95 3.92
N ALA B 81 -19.47 -2.13 4.75
CA ALA B 81 -19.39 -3.35 5.56
C ALA B 81 -20.53 -3.39 6.59
N LEU B 82 -20.77 -2.27 7.29
CA LEU B 82 -21.79 -2.26 8.34
C LEU B 82 -23.18 -2.46 7.77
N SER B 83 -23.42 -2.08 6.51
CA SER B 83 -24.68 -2.43 5.85
C SER B 83 -24.93 -3.91 5.93
N CYS B 84 -23.91 -4.70 5.57
CA CYS B 84 -24.00 -6.15 5.68
C CYS B 84 -24.23 -6.57 7.13
N GLU B 85 -23.37 -6.12 8.03
CA GLU B 85 -23.40 -6.63 9.40
C GLU B 85 -24.65 -6.16 10.14
N LEU B 86 -25.07 -4.92 9.92
CA LEU B 86 -26.22 -4.38 10.64
C LEU B 86 -27.52 -4.51 9.86
N GLU B 87 -27.49 -5.12 8.67
CA GLU B 87 -28.70 -5.39 7.87
C GLU B 87 -29.49 -4.10 7.62
N THR B 88 -28.76 -3.01 7.39
CA THR B 88 -29.35 -1.69 7.23
C THR B 88 -28.87 -1.11 5.91
N PRO B 89 -29.78 -0.60 5.07
CA PRO B 89 -29.37 0.12 3.86
C PRO B 89 -28.25 1.12 4.11
N CYS B 90 -27.30 1.18 3.17
CA CYS B 90 -26.09 1.96 3.39
C CYS B 90 -26.41 3.45 3.46
N SER B 91 -27.33 3.90 2.61
CA SER B 91 -27.71 5.30 2.63
C SER B 91 -28.33 5.70 3.96
N LYS B 92 -29.04 4.76 4.61
CA LYS B 92 -29.58 5.04 5.93
C LYS B 92 -28.46 5.26 6.95
N LEU B 93 -27.48 4.35 7.03
CA LEU B 93 -26.39 4.50 7.99
C LEU B 93 -25.64 5.82 7.76
N LYS B 94 -25.38 6.17 6.50
CA LYS B 94 -24.73 7.45 6.22
C LYS B 94 -25.55 8.61 6.75
N GLU B 95 -26.86 8.57 6.56
CA GLU B 95 -27.72 9.67 6.97
C GLU B 95 -27.86 9.76 8.50
N MET B 96 -28.01 8.62 9.18
CA MET B 96 -27.95 8.60 10.63
C MET B 96 -26.60 9.11 11.15
N LEU B 97 -25.51 8.80 10.45
CA LEU B 97 -24.22 9.34 10.84
C LEU B 97 -24.18 10.85 10.67
N GLU B 98 -24.76 11.36 9.58
CA GLU B 98 -24.83 12.80 9.40
C GLU B 98 -25.66 13.44 10.49
N LEU B 99 -26.82 12.84 10.80
CA LEU B 99 -27.65 13.40 11.86
C LEU B 99 -26.94 13.35 13.22
N SER B 100 -26.24 12.24 13.50
CA SER B 100 -25.53 12.14 14.78
C SER B 100 -24.54 13.27 14.96
N ILE B 101 -23.77 13.59 13.92
CA ILE B 101 -22.77 14.64 14.11
C ILE B 101 -23.41 16.03 14.09
N ALA B 102 -24.60 16.18 13.50
CA ALA B 102 -25.30 17.45 13.64
C ALA B 102 -25.81 17.69 15.05
N SER B 103 -25.89 16.66 15.88
CA SER B 103 -26.30 16.87 17.26
C SER B 103 -25.13 17.27 18.15
N LEU B 104 -23.92 17.36 17.58
CA LEU B 104 -22.74 17.69 18.37
C LEU B 104 -22.93 19.00 19.10
N GLN B 105 -22.69 18.96 20.41
CA GLN B 105 -22.76 20.10 21.30
C GLN B 105 -21.49 20.11 22.12
N VAL B 106 -20.89 21.28 22.27
CA VAL B 106 -19.64 21.39 23.02
C VAL B 106 -19.96 21.61 24.49
N ASN B 107 -19.37 20.81 25.36
CA ASN B 107 -19.47 21.05 26.79
C ASN B 107 -18.81 22.38 27.13
N PRO B 108 -19.56 23.38 27.62
CA PRO B 108 -19.01 24.73 27.73
C PRO B 108 -18.34 24.99 29.06
N LEU B 109 -18.69 24.19 30.07
CA LEU B 109 -17.94 24.23 31.33
C LEU B 109 -16.50 23.80 31.09
N MET B 110 -16.33 22.56 30.60
CA MET B 110 -15.01 22.03 30.30
C MET B 110 -14.22 22.92 29.35
N VAL B 111 -14.89 23.53 28.37
CA VAL B 111 -14.16 24.39 27.45
C VAL B 111 -13.64 25.63 28.18
N GLU B 112 -14.43 26.18 29.11
CA GLU B 112 -13.92 27.31 29.89
C GLU B 112 -12.79 26.86 30.80
N VAL B 113 -12.92 25.69 31.41
CA VAL B 113 -11.84 25.13 32.23
C VAL B 113 -10.60 24.84 31.39
N LEU B 114 -10.79 24.57 30.09
CA LEU B 114 -9.66 24.32 29.22
C LEU B 114 -8.99 25.62 28.80
N ARG B 115 -9.79 26.63 28.45
CA ARG B 115 -9.23 27.96 28.17
C ARG B 115 -8.42 28.46 29.37
N VAL B 116 -8.89 28.15 30.58
CA VAL B 116 -8.14 28.52 31.79
C VAL B 116 -6.78 27.83 31.81
N LEU B 117 -6.78 26.49 31.71
CA LEU B 117 -5.53 25.73 31.71
C LEU B 117 -4.54 26.25 30.68
N HIS B 118 -5.01 26.57 29.48
CA HIS B 118 -4.17 27.23 28.48
C HIS B 118 -3.58 28.52 29.01
N LYS B 119 -4.44 29.42 29.48
CA LYS B 119 -4.01 30.72 30.02
C LYS B 119 -2.88 30.57 31.04
N LYS B 120 -2.94 29.52 31.87
CA LYS B 120 -1.89 29.23 32.84
C LYS B 120 -0.69 28.55 32.18
N ASP B 121 -0.15 27.51 32.79
CA ASP B 121 1.08 26.92 32.28
C ASP B 121 0.82 25.85 31.25
N LYS B 122 -0.03 26.16 30.25
CA LYS B 122 -0.44 25.28 29.14
C LYS B 122 -0.24 23.77 29.44
N GLN B 123 0.49 23.07 28.55
CA GLN B 123 0.83 21.63 28.73
C GLN B 123 -0.40 20.73 28.68
N ILE B 124 -1.24 20.92 27.64
CA ILE B 124 -2.50 20.21 27.45
C ILE B 124 -2.46 19.42 26.16
N TYR B 125 -2.85 18.14 26.22
CA TYR B 125 -2.84 17.26 25.07
C TYR B 125 -4.21 16.63 24.86
N CYS B 126 -4.63 16.53 23.60
CA CYS B 126 -5.87 15.86 23.23
C CYS B 126 -5.56 14.46 22.68
N LEU B 127 -6.10 13.43 23.33
CA LEU B 127 -5.86 12.04 22.91
C LEU B 127 -7.22 11.36 22.75
N SER B 128 -7.76 11.37 21.54
CA SER B 128 -9.08 10.83 21.31
C SER B 128 -9.08 9.80 20.19
N ASN B 129 -9.98 8.82 20.32
CA ASN B 129 -10.31 7.90 19.25
C ASN B 129 -11.27 8.58 18.31
N VAL B 130 -10.82 8.97 17.12
CA VAL B 130 -11.76 9.53 16.14
C VAL B 130 -11.22 9.21 14.76
N ASP B 131 -12.13 8.88 13.83
CA ASP B 131 -11.73 8.59 12.46
C ASP B 131 -11.37 9.88 11.73
N LEU B 132 -10.59 9.74 10.65
CA LEU B 132 -9.94 10.91 10.05
C LEU B 132 -10.95 11.91 9.51
N GLU B 133 -11.95 11.44 8.75
CA GLU B 133 -12.90 12.38 8.15
C GLU B 133 -13.76 13.06 9.22
N SER B 134 -14.08 12.34 10.28
CA SER B 134 -14.75 12.97 11.42
C SER B 134 -13.87 14.06 12.05
N PHE B 135 -12.60 13.74 12.26
CA PHE B 135 -11.71 14.68 12.94
C PHE B 135 -11.49 15.91 12.08
N SER B 136 -11.49 15.73 10.77
CA SER B 136 -11.43 16.86 9.86
C SER B 136 -12.58 17.83 10.13
N TYR B 137 -13.81 17.29 10.23
CA TYR B 137 -14.98 18.15 10.41
C TYR B 137 -14.99 18.80 11.79
N LEU B 138 -14.72 18.03 12.84
CA LEU B 138 -14.65 18.61 14.17
C LEU B 138 -13.57 19.67 14.24
N TYR B 139 -12.48 19.50 13.48
CA TYR B 139 -11.41 20.48 13.56
C TYR B 139 -11.89 21.84 13.07
N LYS B 140 -12.51 21.86 11.88
CA LYS B 140 -12.95 23.10 11.29
C LYS B 140 -14.24 23.63 11.91
N GLN B 141 -15.04 22.79 12.55
CA GLN B 141 -16.33 23.27 13.06
C GLN B 141 -16.26 23.85 14.46
N PHE B 142 -15.31 23.43 15.29
CA PHE B 142 -15.19 23.93 16.66
C PHE B 142 -13.86 24.64 16.83
N ASP B 143 -13.79 25.55 17.78
CA ASP B 143 -12.64 26.43 17.96
C ASP B 143 -11.96 26.23 19.30
N PHE B 144 -11.87 25.00 19.79
CA PHE B 144 -11.18 24.75 21.06
C PHE B 144 -9.82 24.07 20.90
N TRP B 145 -9.38 23.83 19.67
CA TRP B 145 -8.09 23.16 19.50
C TRP B 145 -6.93 24.07 19.82
N LYS B 146 -7.10 25.38 19.60
CA LYS B 146 -6.15 26.42 20.00
C LYS B 146 -5.59 26.28 21.41
N TYR B 147 -6.29 25.59 22.32
CA TYR B 147 -5.83 25.38 23.69
C TYR B 147 -5.02 24.10 23.86
N PHE B 148 -4.80 23.38 22.77
CA PHE B 148 -4.06 22.13 22.82
C PHE B 148 -2.63 22.34 22.35
N ASP B 149 -1.69 21.70 23.05
CA ASP B 149 -0.28 21.74 22.70
C ASP B 149 0.09 20.65 21.70
N GLY B 150 -0.60 19.51 21.74
CA GLY B 150 -0.47 18.49 20.73
C GLY B 150 -1.72 17.65 20.61
N ILE B 151 -2.18 17.42 19.38
CA ILE B 151 -3.39 16.65 19.11
C ILE B 151 -2.98 15.24 18.69
N TYR B 152 -3.31 14.25 19.50
CA TYR B 152 -3.02 12.86 19.21
C TYR B 152 -4.35 12.15 18.93
N VAL B 153 -4.65 11.98 17.64
CA VAL B 153 -5.90 11.43 17.14
C VAL B 153 -5.64 10.03 16.58
N SER B 154 -6.54 9.09 16.88
CA SER B 154 -6.32 7.69 16.53
C SER B 154 -6.11 7.50 15.03
N ALA B 155 -6.84 8.25 14.21
CA ALA B 155 -6.75 8.06 12.77
C ALA B 155 -5.40 8.49 12.23
N LEU B 156 -4.78 9.47 12.89
CA LEU B 156 -3.45 9.91 12.52
C LEU B 156 -2.37 9.02 13.11
N LEU B 157 -2.69 8.17 14.08
CA LEU B 157 -1.67 7.37 14.74
C LEU B 157 -1.62 5.91 14.31
N GLN B 158 -2.64 5.40 13.64
CA GLN B 158 -2.85 3.96 13.50
C GLN B 158 -2.84 3.26 14.86
N LEU B 159 -3.37 3.93 15.88
CA LEU B 159 -3.45 3.39 17.23
C LEU B 159 -4.80 3.73 17.85
N ARG B 160 -5.35 2.80 18.63
CA ARG B 160 -6.67 2.93 19.24
C ARG B 160 -6.57 2.95 20.76
N LYS B 161 -7.40 3.78 21.38
CA LYS B 161 -7.16 4.17 22.78
C LYS B 161 -7.15 3.03 23.79
N PRO B 162 -8.00 2.01 23.72
CA PRO B 162 -7.91 0.96 24.75
C PRO B 162 -6.52 0.31 24.82
N ASN B 163 -5.88 0.08 23.68
CA ASN B 163 -4.63 -0.65 23.67
C ASN B 163 -3.55 0.12 24.42
N PRO B 164 -2.65 -0.57 25.14
CA PRO B 164 -1.60 0.15 25.88
C PRO B 164 -0.61 0.86 24.97
N ASP B 165 -0.44 0.38 23.74
CA ASP B 165 0.60 0.92 22.87
C ASP B 165 0.35 2.39 22.54
N ILE B 166 -0.91 2.79 22.35
CA ILE B 166 -1.19 4.22 22.12
C ILE B 166 -0.88 5.03 23.36
N PHE B 167 -1.09 4.45 24.54
CA PHE B 167 -0.66 5.14 25.75
C PHE B 167 0.86 5.28 25.78
N GLN B 168 1.57 4.19 25.46
CA GLN B 168 3.02 4.26 25.42
C GLN B 168 3.49 5.32 24.42
N TYR B 169 2.78 5.47 23.30
CA TYR B 169 3.23 6.40 22.26
C TYR B 169 3.14 7.85 22.72
N LEU B 170 2.06 8.21 23.39
CA LEU B 170 1.92 9.59 23.82
C LEU B 170 2.96 9.95 24.88
N ILE B 171 3.34 9.00 25.73
CA ILE B 171 4.29 9.32 26.79
C ILE B 171 5.67 9.55 26.21
N SER B 172 6.06 8.75 25.22
CA SER B 172 7.33 8.95 24.54
C SER B 172 7.31 10.22 23.71
N SER B 173 6.30 10.39 22.84
CA SER B 173 6.29 11.50 21.90
C SER B 173 6.21 12.84 22.62
N ALA B 174 5.32 12.95 23.59
CA ALA B 174 5.20 14.21 24.33
C ALA B 174 6.31 14.36 25.38
N SER B 175 6.97 13.26 25.73
CA SER B 175 8.06 13.27 26.71
C SER B 175 7.61 13.98 27.99
N ILE B 176 6.70 13.30 28.70
CA ILE B 176 6.01 13.87 29.84
C ILE B 176 6.27 12.98 31.05
N ASN B 177 6.56 13.61 32.20
CA ASN B 177 6.73 12.87 33.44
C ASN B 177 5.40 12.23 33.83
N THR B 178 5.37 10.90 33.86
CA THR B 178 4.13 10.19 34.12
C THR B 178 3.56 10.51 35.50
N LYS B 179 4.43 10.88 36.45
CA LYS B 179 3.99 11.20 37.80
C LYS B 179 3.33 12.58 37.89
N SER B 180 3.60 13.48 36.94
CA SER B 180 3.01 14.82 36.92
C SER B 180 1.80 14.92 35.99
N THR B 181 1.11 13.79 35.77
CA THR B 181 0.06 13.67 34.75
C THR B 181 -1.25 13.20 35.37
N ILE B 182 -2.34 13.92 35.07
CA ILE B 182 -3.70 13.48 35.30
C ILE B 182 -4.45 13.57 33.97
N PHE B 183 -5.21 12.52 33.67
CA PHE B 183 -5.84 12.34 32.37
C PHE B 183 -7.36 12.21 32.57
N ILE B 184 -8.11 12.98 31.78
CA ILE B 184 -9.55 13.15 31.94
C ILE B 184 -10.30 12.32 30.91
N ASP B 185 -11.30 11.56 31.36
CA ASP B 185 -12.08 10.77 30.44
C ASP B 185 -13.44 10.46 31.08
N ASP B 186 -14.37 10.03 30.23
CA ASP B 186 -15.63 9.45 30.69
C ASP B 186 -15.65 7.94 30.61
N LYS B 187 -14.85 7.33 29.75
CA LYS B 187 -14.72 5.88 29.71
C LYS B 187 -13.75 5.44 30.81
N SER B 188 -14.13 4.36 31.50
CA SER B 188 -13.36 3.85 32.63
C SER B 188 -12.24 2.93 32.19
N GLU B 189 -12.44 2.18 31.11
CA GLU B 189 -11.39 1.34 30.57
C GLU B 189 -10.13 2.16 30.30
N ASN B 190 -10.30 3.33 29.67
CA ASN B 190 -9.16 4.16 29.32
C ASN B 190 -8.47 4.71 30.57
N LEU B 191 -9.24 5.04 31.60
CA LEU B 191 -8.66 5.53 32.84
C LEU B 191 -7.78 4.46 33.50
N GLN B 192 -8.22 3.21 33.47
CA GLN B 192 -7.44 2.12 34.07
C GLN B 192 -6.10 1.97 33.38
N GLU B 193 -6.09 2.02 32.05
CA GLU B 193 -4.85 1.85 31.30
C GLU B 193 -3.91 3.05 31.47
N ALA B 194 -4.45 4.27 31.58
CA ALA B 194 -3.60 5.40 31.91
C ALA B 194 -3.02 5.26 33.30
N ALA B 195 -3.81 4.71 34.22
CA ALA B 195 -3.33 4.48 35.58
C ALA B 195 -2.17 3.48 35.60
N ASN B 196 -2.23 2.46 34.73
CA ASN B 196 -1.18 1.45 34.68
C ASN B 196 0.20 2.06 34.45
N PHE B 197 0.29 3.06 33.58
CA PHE B 197 1.57 3.72 33.33
C PHE B 197 1.91 4.73 34.41
N GLY B 198 1.06 4.88 35.43
CA GLY B 198 1.29 5.80 36.51
C GLY B 198 0.57 7.13 36.39
N ILE B 199 -0.31 7.29 35.40
CA ILE B 199 -1.02 8.56 35.23
C ILE B 199 -2.23 8.57 36.14
N SER B 200 -2.36 9.63 36.94
CA SER B 200 -3.56 9.86 37.72
C SER B 200 -4.74 10.07 36.78
N THR B 201 -5.93 9.75 37.27
CA THR B 201 -7.09 9.65 36.41
C THR B 201 -8.20 10.56 36.92
N LEU B 202 -9.27 10.68 36.12
CA LEU B 202 -10.38 11.58 36.43
C LEU B 202 -11.59 11.17 35.60
N LYS B 203 -12.52 10.45 36.23
CA LYS B 203 -13.79 10.13 35.58
C LYS B 203 -14.67 11.36 35.54
N TYR B 204 -15.45 11.49 34.46
CA TYR B 204 -16.38 12.61 34.30
C TYR B 204 -17.79 12.04 34.17
N ASN B 205 -18.36 11.61 35.30
CA ASN B 205 -19.76 11.22 35.36
C ASN B 205 -20.64 12.47 35.32
N LYS B 206 -21.96 12.25 35.33
CA LYS B 206 -22.92 13.35 35.12
C LYS B 206 -22.68 14.50 36.09
N ASP B 207 -22.76 14.22 37.40
CA ASP B 207 -22.51 15.23 38.42
C ASP B 207 -21.25 14.94 39.25
N ASN B 208 -20.54 13.84 38.96
CA ASN B 208 -19.36 13.45 39.71
C ASN B 208 -18.10 13.60 38.88
N PHE B 209 -16.98 13.80 39.57
CA PHE B 209 -15.66 13.82 38.97
C PHE B 209 -14.73 13.03 39.91
N GLU B 210 -14.84 11.71 39.85
CA GLU B 210 -13.99 10.85 40.67
C GLU B 210 -12.51 11.05 40.34
N TYR B 211 -11.70 11.37 41.35
CA TYR B 211 -10.25 11.44 41.20
C TYR B 211 -9.64 10.09 41.59
N THR B 212 -8.31 10.01 41.50
CA THR B 212 -7.65 8.78 41.96
C THR B 212 -6.33 9.09 42.68
N ALA B 213 -5.37 9.69 41.98
CA ALA B 213 -4.11 10.07 42.63
C ALA B 213 -4.03 11.59 42.78
N THR B 226 11.30 3.07 19.25
CA THR B 226 11.88 1.82 18.75
C THR B 226 13.33 2.02 18.30
N PRO B 227 14.13 0.98 18.41
CA PRO B 227 15.51 1.05 17.89
C PRO B 227 15.55 0.82 16.39
N GLU B 228 14.57 0.07 15.87
CA GLU B 228 14.44 -0.05 14.42
C GLU B 228 14.41 1.33 13.77
N ILE B 229 13.70 2.28 14.40
CA ILE B 229 13.72 3.66 13.95
C ILE B 229 15.13 4.20 13.95
N HIS B 230 15.87 3.98 15.04
CA HIS B 230 17.18 4.57 15.15
C HIS B 230 18.15 3.99 14.12
N LYS B 231 18.08 2.69 13.86
CA LYS B 231 18.91 2.11 12.81
C LYS B 231 18.67 2.81 11.48
N LYS B 232 17.41 2.91 11.08
CA LYS B 232 17.08 3.52 9.79
C LYS B 232 17.48 4.97 9.73
N ARG B 233 17.42 5.69 10.85
CA ARG B 233 17.80 7.09 10.87
C ARG B 233 19.31 7.25 10.68
N THR B 234 20.11 6.44 11.39
CA THR B 234 21.56 6.46 11.23
C THR B 234 21.94 6.05 9.83
N LEU B 235 21.32 4.97 9.35
CA LEU B 235 21.53 4.53 7.98
C LEU B 235 21.34 5.68 6.99
N GLY B 236 20.19 6.34 7.06
CA GLY B 236 19.86 7.36 6.09
C GLY B 236 20.71 8.61 6.23
N GLU B 237 21.10 8.94 7.45
CA GLU B 237 22.00 10.07 7.64
C GLU B 237 23.38 9.75 7.03
N ASP B 238 23.82 8.50 7.13
CA ASP B 238 25.08 8.13 6.50
C ASP B 238 24.99 8.26 4.98
N TYR B 239 23.90 7.77 4.38
CA TYR B 239 23.72 7.94 2.94
C TYR B 239 23.83 9.42 2.54
N LEU B 240 23.04 10.28 3.20
CA LEU B 240 22.97 11.67 2.80
C LEU B 240 24.31 12.39 2.96
N ASN B 241 25.08 12.02 4.00
CA ASN B 241 26.36 12.69 4.24
C ASN B 241 27.37 12.31 3.17
N LEU B 242 27.46 11.03 2.82
CA LEU B 242 28.39 10.63 1.76
C LEU B 242 28.02 11.30 0.44
N ARG B 243 26.71 11.40 0.15
CA ARG B 243 26.29 11.97 -1.13
C ARG B 243 26.64 13.45 -1.22
N LEU B 244 26.45 14.20 -0.14
CA LEU B 244 26.71 15.63 -0.21
C LEU B 244 28.16 15.97 0.06
N ARG B 245 28.94 15.04 0.61
CA ARG B 245 30.38 15.28 0.63
C ARG B 245 31.01 14.99 -0.72
N LYS B 246 30.56 13.93 -1.42
CA LYS B 246 31.06 13.66 -2.76
C LYS B 246 30.60 14.73 -3.75
N PHE B 247 29.43 15.32 -3.54
CA PHE B 247 28.89 16.35 -4.43
C PHE B 247 28.25 17.43 -3.56
N PRO B 248 29.03 18.42 -3.14
CA PRO B 248 28.45 19.50 -2.33
C PRO B 248 27.47 20.34 -3.13
N PHE B 249 27.62 20.35 -4.45
CA PHE B 249 26.61 20.89 -5.36
C PHE B 249 25.60 19.78 -5.62
N CYS B 250 24.40 19.89 -5.04
CA CYS B 250 23.44 18.79 -5.05
C CYS B 250 23.14 18.37 -6.48
N LYS B 251 23.35 17.09 -6.77
CA LYS B 251 23.11 16.63 -8.12
C LYS B 251 21.64 16.81 -8.46
N SER B 252 21.33 16.73 -9.74
CA SER B 252 19.92 16.70 -10.14
C SER B 252 19.77 15.88 -11.41
N PHE B 253 18.71 15.09 -11.44
CA PHE B 253 18.35 14.31 -12.60
C PHE B 253 17.13 14.94 -13.25
N VAL B 254 17.03 14.83 -14.57
CA VAL B 254 15.91 15.41 -15.31
C VAL B 254 15.24 14.31 -16.10
N SER B 255 13.90 14.31 -16.09
CA SER B 255 13.12 13.33 -16.82
C SER B 255 11.78 13.99 -17.16
N ASN B 256 10.79 13.18 -17.51
CA ASN B 256 9.48 13.71 -17.86
C ASN B 256 8.38 13.12 -16.98
N ASN B 257 8.76 12.51 -15.87
CA ASN B 257 7.82 11.98 -14.90
C ASN B 257 8.32 12.32 -13.50
N VAL B 258 7.41 12.22 -12.52
CA VAL B 258 7.76 12.64 -11.17
C VAL B 258 8.64 11.61 -10.46
N GLU B 259 8.62 10.36 -10.90
CA GLU B 259 9.55 9.36 -10.37
C GLU B 259 10.90 9.39 -11.09
N LEU B 260 11.04 10.24 -12.09
CA LEU B 260 12.30 10.38 -12.84
C LEU B 260 12.82 9.05 -13.34
N ILE B 261 11.91 8.11 -13.62
CA ILE B 261 12.36 6.86 -14.20
C ILE B 261 13.07 7.17 -15.51
N GLY B 262 14.25 6.58 -15.69
CA GLY B 262 15.07 6.89 -16.86
C GLY B 262 15.60 8.31 -16.90
N GLY B 263 15.62 9.01 -15.78
CA GLY B 263 16.18 10.34 -15.78
C GLY B 263 17.65 10.32 -16.14
N GLU B 264 18.08 11.37 -16.82
CA GLU B 264 19.49 11.58 -17.13
C GLU B 264 20.06 12.64 -16.21
N ASP B 265 21.36 12.55 -15.98
CA ASP B 265 22.07 13.50 -15.13
C ASP B 265 22.00 14.90 -15.72
N PHE B 266 21.74 15.88 -14.86
CA PHE B 266 21.77 17.29 -15.25
C PHE B 266 22.74 18.04 -14.35
N SER B 267 22.40 18.26 -13.09
CA SER B 267 23.35 18.72 -12.08
C SER B 267 23.92 20.10 -12.38
N LYS B 268 23.17 20.93 -13.09
CA LYS B 268 23.65 22.25 -13.49
C LYS B 268 22.75 23.39 -12.96
N GLU B 269 22.04 23.17 -11.85
CA GLU B 269 21.18 24.18 -11.23
C GLU B 269 21.46 24.26 -9.73
N ILE B 270 21.54 25.47 -9.19
CA ILE B 270 21.91 25.63 -7.79
C ILE B 270 20.71 25.55 -6.86
N PHE B 271 19.51 25.29 -7.38
CA PHE B 271 18.31 25.39 -6.54
C PHE B 271 18.18 24.21 -5.60
N SER B 272 18.43 22.99 -6.09
CA SER B 272 18.40 21.82 -5.21
C SER B 272 19.33 22.01 -4.00
N THR B 273 20.55 22.53 -4.23
CA THR B 273 21.44 22.83 -3.11
C THR B 273 20.78 23.82 -2.15
N ALA B 274 20.25 24.92 -2.68
CA ALA B 274 19.56 25.90 -1.84
C ALA B 274 18.41 25.28 -1.05
N VAL B 275 17.60 24.41 -1.68
CA VAL B 275 16.47 23.84 -0.97
C VAL B 275 16.95 22.94 0.16
N ILE B 276 18.02 22.17 -0.07
CA ILE B 276 18.51 21.30 1.00
C ILE B 276 19.03 22.12 2.17
N LEU B 277 19.90 23.10 1.90
CA LEU B 277 20.42 24.01 2.93
C LEU B 277 19.30 24.64 3.75
N HIS B 278 18.18 24.95 3.09
CA HIS B 278 17.08 25.64 3.75
C HIS B 278 16.22 24.74 4.64
N SER B 279 16.26 23.42 4.45
CA SER B 279 15.22 22.55 4.99
C SER B 279 15.69 21.44 5.94
N TYR B 280 16.81 20.75 5.67
CA TYR B 280 17.26 19.72 6.61
C TYR B 280 18.15 20.36 7.69
N THR B 281 17.80 20.15 8.95
CA THR B 281 18.36 20.92 10.05
C THR B 281 19.49 20.22 10.80
N SER B 282 19.81 18.98 10.44
CA SER B 282 20.84 18.23 11.14
C SER B 282 22.10 18.09 10.28
N LEU B 283 22.20 18.88 9.21
CA LEU B 283 23.35 18.76 8.31
C LEU B 283 24.63 19.03 9.07
N PRO B 284 25.64 18.18 8.91
CA PRO B 284 26.93 18.44 9.57
C PRO B 284 27.56 19.78 9.17
N ASP B 285 28.37 20.30 10.11
CA ASP B 285 29.02 21.60 9.93
C ASP B 285 29.85 21.65 8.65
N ASP B 286 30.59 20.57 8.35
CA ASP B 286 31.46 20.57 7.19
C ASP B 286 30.68 20.61 5.89
N ILE B 287 29.46 20.07 5.88
CA ILE B 287 28.65 20.07 4.68
C ILE B 287 27.98 21.42 4.50
N ILE B 288 27.59 22.08 5.60
CA ILE B 288 26.98 23.40 5.48
C ILE B 288 27.97 24.39 4.91
N ALA B 289 29.18 24.42 5.48
CA ALA B 289 30.22 25.30 4.97
C ALA B 289 30.45 25.07 3.49
N SER B 290 30.56 23.79 3.11
CA SER B 290 30.90 23.44 1.74
C SER B 290 29.82 23.89 0.76
N MET B 291 28.56 23.50 1.01
CA MET B 291 27.46 23.91 0.12
C MET B 291 27.28 25.42 0.14
N CYS B 292 27.40 26.03 1.32
CA CYS B 292 27.30 27.48 1.42
C CYS B 292 28.41 28.17 0.62
N HIS B 293 29.55 27.47 0.44
CA HIS B 293 30.62 28.00 -0.40
C HIS B 293 30.25 27.95 -1.87
N GLU B 294 29.74 26.81 -2.34
CA GLU B 294 29.32 26.68 -3.73
C GLU B 294 28.22 27.67 -4.10
N ILE B 295 27.57 28.28 -3.12
CA ILE B 295 26.50 29.21 -3.42
C ILE B 295 27.01 30.65 -3.46
N LEU B 296 27.96 30.98 -2.59
CA LEU B 296 28.50 32.34 -2.62
C LEU B 296 29.26 32.64 -3.92
N ASN B 297 29.66 31.60 -4.64
CA ASN B 297 30.32 31.72 -5.95
C ASN B 297 29.67 32.78 -6.85
N LYS B 303 26.59 40.04 -6.49
CA LYS B 303 25.30 40.47 -7.04
C LYS B 303 24.24 40.59 -5.94
N LEU B 304 24.32 39.71 -4.95
CA LEU B 304 23.25 39.42 -3.96
C LEU B 304 21.95 38.98 -4.63
N ARG B 305 22.02 38.55 -5.87
CA ARG B 305 20.95 37.90 -6.58
C ARG B 305 21.50 36.61 -7.18
N TRP B 306 20.62 35.65 -7.43
CA TRP B 306 21.05 34.34 -7.87
C TRP B 306 20.24 33.85 -9.06
N CYS B 307 20.89 33.06 -9.90
CA CYS B 307 20.28 32.45 -11.06
C CYS B 307 20.04 30.96 -10.81
N PHE B 308 18.97 30.43 -11.40
CA PHE B 308 18.68 29.00 -11.35
C PHE B 308 19.92 28.18 -11.73
N TYR B 309 20.61 28.59 -12.81
CA TYR B 309 21.66 27.81 -13.42
C TYR B 309 23.02 28.02 -12.74
N LYS B 310 23.83 26.96 -12.77
CA LYS B 310 25.25 27.12 -12.48
C LYS B 310 25.83 28.09 -13.50
N ASN B 311 26.69 29.01 -13.02
CA ASN B 311 27.25 30.02 -13.90
C ASN B 311 27.74 29.39 -15.20
N GLU B 312 28.49 28.28 -15.06
CA GLU B 312 28.95 27.50 -16.20
C GLU B 312 27.83 27.17 -17.20
N ALA B 313 26.65 26.79 -16.71
CA ALA B 313 25.59 26.32 -17.58
C ALA B 313 24.56 27.39 -17.94
N ARG B 314 24.82 28.68 -17.61
CA ARG B 314 23.71 29.62 -17.78
C ARG B 314 23.65 30.15 -19.21
N PRO B 315 22.49 30.05 -19.87
CA PRO B 315 22.32 30.74 -21.16
C PRO B 315 22.67 32.21 -21.09
N ASP B 316 23.13 32.77 -22.21
CA ASP B 316 23.40 34.20 -22.27
C ASP B 316 22.12 34.99 -22.10
N ASN B 317 22.19 36.06 -21.31
CA ASN B 317 21.04 36.92 -21.02
C ASN B 317 19.88 36.15 -20.38
N PHE B 318 20.22 35.13 -19.53
CA PHE B 318 19.20 34.44 -18.73
C PHE B 318 19.10 35.08 -17.35
N PRO B 319 17.90 35.41 -16.88
CA PRO B 319 17.77 36.32 -15.73
C PRO B 319 17.93 35.61 -14.40
N ASP B 320 18.19 36.41 -13.37
CA ASP B 320 18.06 35.93 -12.00
C ASP B 320 16.57 35.80 -11.67
N ASP B 321 16.25 34.86 -10.77
CA ASP B 321 14.88 34.67 -10.31
C ASP B 321 14.75 34.92 -8.80
N LEU B 322 13.54 35.31 -8.41
CA LEU B 322 13.25 35.64 -7.02
C LEU B 322 13.15 34.43 -6.12
N ASP B 323 13.04 33.23 -6.68
CA ASP B 323 12.87 32.04 -5.86
C ASP B 323 14.24 31.58 -5.33
N THR B 324 15.23 31.48 -6.23
CA THR B 324 16.59 31.17 -5.81
C THR B 324 17.16 32.28 -4.93
N THR B 325 16.89 33.54 -5.28
CA THR B 325 17.38 34.65 -4.47
C THR B 325 16.74 34.65 -3.08
N SER B 326 15.41 34.63 -3.02
CA SER B 326 14.69 34.62 -1.73
C SER B 326 15.18 33.51 -0.81
N MET B 327 15.19 32.28 -1.31
CA MET B 327 15.53 31.15 -0.44
C MET B 327 16.95 31.28 0.09
N VAL B 328 17.90 31.70 -0.76
CA VAL B 328 19.29 31.82 -0.33
C VAL B 328 19.47 32.98 0.65
N LEU B 329 18.85 34.12 0.36
CA LEU B 329 18.99 35.26 1.26
C LEU B 329 18.40 34.96 2.62
N SER B 330 17.27 34.25 2.66
CA SER B 330 16.66 33.84 3.92
C SER B 330 17.58 32.95 4.72
N PHE B 331 18.25 32.02 4.04
CA PHE B 331 19.22 31.15 4.73
C PHE B 331 20.43 31.94 5.22
N LEU B 332 20.99 32.83 4.39
CA LEU B 332 22.16 33.58 4.85
C LEU B 332 21.80 34.51 6.00
N LEU B 333 20.65 35.19 5.91
CA LEU B 333 20.18 36.00 7.03
C LEU B 333 19.95 35.15 8.28
N ASN B 334 19.49 33.92 8.10
CA ASN B 334 19.14 33.09 9.24
C ASN B 334 20.38 32.53 9.94
N HIS B 335 21.46 32.31 9.20
CA HIS B 335 22.74 31.90 9.77
C HIS B 335 23.68 33.06 10.05
N ASN B 336 23.19 34.30 9.99
CA ASN B 336 23.95 35.49 10.35
C ASN B 336 25.15 35.72 9.45
N LYS B 337 25.15 35.17 8.25
CA LYS B 337 26.23 35.38 7.29
C LYS B 337 26.02 36.66 6.49
N LEU B 338 25.02 37.46 6.86
CA LEU B 338 24.47 38.56 6.07
C LEU B 338 23.49 39.29 6.99
N THR B 339 23.16 40.53 6.66
CA THR B 339 22.28 41.32 7.50
C THR B 339 21.14 41.92 6.69
N ILE B 340 20.18 42.50 7.42
CA ILE B 340 19.00 43.08 6.81
C ILE B 340 19.39 44.22 5.88
N GLU B 341 20.29 45.10 6.35
CA GLU B 341 20.85 46.17 5.52
C GLU B 341 21.46 45.66 4.23
N LYS B 342 22.21 44.55 4.30
CA LYS B 342 22.74 43.95 3.08
C LYS B 342 21.62 43.58 2.12
N ILE B 343 20.47 43.14 2.67
CA ILE B 343 19.41 42.54 1.88
C ILE B 343 18.42 43.56 1.35
N ILE B 344 18.24 44.66 2.06
CA ILE B 344 17.23 45.66 1.73
C ILE B 344 17.25 46.09 0.25
N PRO B 345 18.40 46.38 -0.37
CA PRO B 345 18.35 46.75 -1.80
C PRO B 345 17.73 45.69 -2.71
N VAL B 346 17.97 44.40 -2.44
CA VAL B 346 17.34 43.36 -3.25
C VAL B 346 15.86 43.27 -2.95
N ALA B 347 15.47 43.56 -1.70
CA ALA B 347 14.07 43.52 -1.33
C ALA B 347 13.27 44.57 -2.09
N GLU B 348 13.84 45.76 -2.27
CA GLU B 348 13.16 46.79 -3.05
C GLU B 348 13.05 46.40 -4.53
N GLN B 349 14.10 45.76 -5.08
CA GLN B 349 14.00 45.27 -6.45
C GLN B 349 12.84 44.29 -6.59
N MET B 350 12.61 43.47 -5.57
CA MET B 350 11.47 42.56 -5.60
C MET B 350 10.15 43.32 -5.52
N ILE B 351 10.07 44.30 -4.61
CA ILE B 351 8.86 45.08 -4.49
C ILE B 351 8.56 45.83 -5.79
N ALA B 352 9.57 46.14 -6.58
CA ALA B 352 9.39 46.79 -7.86
C ALA B 352 9.25 45.82 -9.01
N ASN B 353 9.08 44.53 -8.73
CA ASN B 353 8.94 43.50 -9.75
C ASN B 353 7.51 42.98 -9.83
N ARG B 354 6.53 43.88 -9.73
CA ARG B 354 5.12 43.48 -9.67
C ARG B 354 4.42 43.64 -11.03
N ASN B 355 3.47 42.74 -11.27
CA ASN B 355 2.73 42.71 -12.53
C ASN B 355 1.61 43.74 -12.46
N GLU B 356 0.72 43.73 -13.45
CA GLU B 356 -0.34 44.73 -13.54
C GLU B 356 -1.34 44.62 -12.40
N GLU B 357 -1.55 43.42 -11.86
CA GLU B 357 -2.44 43.20 -10.71
C GLU B 357 -1.77 43.45 -9.37
N GLY B 358 -0.51 43.85 -9.35
CA GLY B 358 0.18 44.12 -8.11
C GLY B 358 0.91 42.95 -7.51
N ILE B 359 1.01 41.83 -8.22
CA ILE B 359 1.60 40.62 -7.71
C ILE B 359 3.06 40.57 -8.12
N ILE B 360 3.94 40.30 -7.15
CA ILE B 360 5.37 40.16 -7.40
C ILE B 360 5.61 38.96 -8.31
N GLN B 361 6.56 39.08 -9.24
CA GLN B 361 6.72 38.08 -10.30
C GLN B 361 8.02 37.28 -10.14
N VAL B 362 8.18 36.28 -11.00
CA VAL B 362 9.17 35.22 -10.78
C VAL B 362 10.60 35.65 -11.13
N TYR B 363 10.81 36.42 -12.22
CA TYR B 363 12.16 36.79 -12.66
C TYR B 363 12.42 38.28 -12.53
N PHE B 364 13.70 38.65 -12.41
CA PHE B 364 14.15 40.01 -12.72
C PHE B 364 14.38 40.12 -14.23
N ASP B 365 13.27 40.17 -14.95
CA ASP B 365 13.31 40.20 -16.41
C ASP B 365 11.91 40.64 -16.85
N ASP B 366 11.76 41.94 -17.12
CA ASP B 366 10.46 42.45 -17.53
C ASP B 366 9.99 41.82 -18.83
N ASN B 367 10.90 41.23 -19.61
CA ASN B 367 10.53 40.51 -20.81
C ASN B 367 10.10 39.07 -20.53
N ARG B 368 10.10 38.63 -19.27
CA ARG B 368 9.63 37.31 -18.89
C ARG B 368 8.78 37.44 -17.63
N PRO B 369 7.54 37.92 -17.76
CA PRO B 369 6.64 38.00 -16.59
C PRO B 369 6.02 36.64 -16.29
N ARG B 370 6.24 36.16 -15.07
CA ARG B 370 5.65 34.91 -14.60
C ARG B 370 5.22 35.09 -13.15
N ILE B 371 4.17 34.37 -12.73
CA ILE B 371 3.89 34.27 -11.32
C ILE B 371 3.79 32.80 -10.92
N ASP B 372 3.94 32.57 -9.61
CA ASP B 372 3.94 31.25 -9.02
C ASP B 372 3.68 31.42 -7.53
N ALA B 373 2.74 30.63 -6.99
CA ALA B 373 2.32 30.80 -5.60
C ALA B 373 3.44 30.45 -4.62
N ILE B 374 4.24 29.41 -4.92
CA ILE B 374 5.31 29.03 -4.00
C ILE B 374 6.45 30.03 -4.06
N VAL B 375 6.71 30.60 -5.23
CA VAL B 375 7.66 31.70 -5.31
C VAL B 375 7.18 32.90 -4.48
N ALA B 376 5.89 33.19 -4.54
CA ALA B 376 5.32 34.27 -3.74
C ALA B 376 5.50 34.00 -2.24
N ILE B 377 5.20 32.78 -1.78
CA ILE B 377 5.42 32.46 -0.37
C ILE B 377 6.86 32.74 0.02
N ASN B 378 7.82 32.35 -0.82
CA ASN B 378 9.21 32.50 -0.42
C ASN B 378 9.64 33.96 -0.40
N VAL B 379 9.16 34.75 -1.36
CA VAL B 379 9.43 36.19 -1.34
C VAL B 379 8.81 36.82 -0.10
N LEU B 380 7.52 36.55 0.14
CA LEU B 380 6.89 37.07 1.35
C LEU B 380 7.62 36.60 2.60
N TYR B 381 8.20 35.41 2.58
CA TYR B 381 8.91 34.94 3.76
C TYR B 381 10.08 35.86 4.08
N LEU B 382 10.89 36.18 3.08
CA LEU B 382 12.03 37.05 3.33
C LEU B 382 11.57 38.45 3.72
N MET B 383 10.46 38.93 3.14
CA MET B 383 9.93 40.24 3.52
C MET B 383 9.72 40.32 5.02
N HIS B 384 9.07 39.29 5.58
CA HIS B 384 8.78 39.27 7.00
C HIS B 384 10.03 39.05 7.82
N GLN B 385 11.04 38.41 7.23
CA GLN B 385 12.31 38.22 7.92
C GLN B 385 13.00 39.55 8.15
N ILE B 386 12.93 40.47 7.19
CA ILE B 386 13.70 41.71 7.24
C ILE B 386 12.89 42.88 7.79
N GLY B 387 11.67 42.64 8.26
CA GLY B 387 10.85 43.70 8.81
C GLY B 387 10.06 44.49 7.79
N TYR B 388 9.96 44.01 6.56
CA TYR B 388 9.14 44.62 5.52
C TYR B 388 7.75 44.00 5.44
N GLY B 389 7.32 43.29 6.50
CA GLY B 389 6.14 42.45 6.38
C GLY B 389 4.86 43.22 6.13
N GLU B 390 4.80 44.48 6.55
CA GLU B 390 3.59 45.27 6.40
C GLU B 390 3.73 46.38 5.38
N ARG B 391 4.71 46.26 4.49
CA ARG B 391 4.76 47.15 3.34
C ARG B 391 3.49 46.99 2.52
N LYS B 392 2.87 48.13 2.17
CA LYS B 392 1.62 48.11 1.41
C LYS B 392 1.76 47.37 0.08
N GLU B 393 2.93 47.46 -0.55
CA GLU B 393 3.18 46.86 -1.85
C GLU B 393 3.12 45.35 -1.83
N LEU B 394 2.95 44.71 -0.67
CA LEU B 394 2.86 43.27 -0.61
C LEU B 394 1.43 42.77 -0.57
N LYS B 395 0.45 43.66 -0.43
CA LYS B 395 -0.93 43.24 -0.15
C LYS B 395 -1.46 42.31 -1.25
N GLU B 396 -1.21 42.65 -2.50
CA GLU B 396 -1.75 41.84 -3.58
C GLU B 396 -1.00 40.52 -3.73
N THR B 397 0.23 40.43 -3.25
CA THR B 397 0.96 39.18 -3.37
C THR B 397 0.52 38.20 -2.30
N GLU B 398 0.29 38.70 -1.08
CA GLU B 398 -0.25 37.82 -0.04
C GLU B 398 -1.67 37.39 -0.38
N ALA B 399 -2.48 38.32 -0.92
CA ALA B 399 -3.85 37.99 -1.33
C ALA B 399 -3.88 36.81 -2.28
N PHE B 400 -3.01 36.84 -3.29
CA PHE B 400 -2.92 35.76 -4.26
C PHE B 400 -2.58 34.44 -3.57
N VAL B 401 -1.76 34.48 -2.52
CA VAL B 401 -1.40 33.22 -1.88
C VAL B 401 -2.57 32.70 -1.08
N PHE B 402 -3.31 33.60 -0.42
CA PHE B 402 -4.46 33.16 0.37
C PHE B 402 -5.56 32.57 -0.52
N ASP B 403 -5.92 33.28 -1.60
CA ASP B 403 -6.95 32.76 -2.51
C ASP B 403 -6.53 31.42 -3.10
N PHE B 404 -5.28 31.31 -3.54
CA PHE B 404 -4.73 30.07 -4.08
C PHE B 404 -4.90 28.90 -3.11
N LEU B 405 -4.97 29.16 -1.80
CA LEU B 405 -5.25 28.13 -0.82
C LEU B 405 -6.75 27.89 -0.64
N ILE B 406 -7.52 28.95 -0.40
CA ILE B 406 -8.95 28.80 -0.12
C ILE B 406 -9.67 28.24 -1.33
N SER B 407 -9.35 28.73 -2.52
CA SER B 407 -10.01 28.28 -3.73
C SER B 407 -9.66 26.84 -4.10
N LYS B 408 -8.68 26.23 -3.43
CA LYS B 408 -8.21 24.87 -3.68
C LYS B 408 -7.53 24.73 -5.05
N GLU B 409 -7.12 25.86 -5.64
CA GLU B 409 -6.27 25.86 -6.82
C GLU B 409 -4.96 25.11 -6.61
N TYR B 410 -4.43 25.14 -5.38
CA TYR B 410 -3.20 24.45 -5.07
C TYR B 410 -3.29 22.96 -5.35
N LEU B 411 -4.52 22.43 -5.48
CA LEU B 411 -4.68 21.03 -5.80
C LEU B 411 -4.26 20.72 -7.23
N LYS B 412 -4.17 21.73 -8.08
CA LYS B 412 -3.67 21.56 -9.43
C LYS B 412 -2.18 21.88 -9.54
N GLY B 413 -1.50 22.19 -8.43
CA GLY B 413 -0.10 22.54 -8.45
C GLY B 413 0.13 24.01 -8.79
N THR B 414 1.38 24.44 -8.61
CA THR B 414 1.79 25.76 -9.04
C THR B 414 2.51 25.64 -10.38
N ARG B 415 3.00 26.77 -10.90
CA ARG B 415 3.61 26.77 -12.23
C ARG B 415 4.88 25.92 -12.28
N TYR B 416 5.64 25.89 -11.18
CA TYR B 416 6.85 25.09 -11.11
C TYR B 416 6.75 23.92 -10.13
N TYR B 417 5.73 23.88 -9.28
CA TYR B 417 5.61 22.77 -8.33
C TYR B 417 4.31 22.02 -8.55
N PRO B 418 4.35 20.87 -9.22
CA PRO B 418 3.11 20.09 -9.43
C PRO B 418 2.48 19.60 -8.15
N ALA B 419 3.25 19.28 -7.12
CA ALA B 419 2.69 18.54 -6.00
C ALA B 419 2.01 19.46 -5.00
N PRO B 420 0.75 19.17 -4.65
CA PRO B 420 0.01 20.07 -3.75
C PRO B 420 0.56 20.19 -2.34
N ASP B 421 1.17 19.14 -1.80
CA ASP B 421 1.73 19.28 -0.46
C ASP B 421 2.97 20.16 -0.43
N VAL B 422 3.57 20.46 -1.58
CA VAL B 422 4.73 21.33 -1.57
C VAL B 422 4.28 22.76 -1.35
N PHE B 423 3.13 23.12 -1.90
CA PHE B 423 2.56 24.43 -1.61
C PHE B 423 2.18 24.50 -0.14
N LEU B 424 1.49 23.47 0.37
CA LEU B 424 1.10 23.47 1.77
C LEU B 424 2.33 23.50 2.67
N PHE B 425 3.42 22.86 2.25
CA PHE B 425 4.66 22.84 3.03
C PHE B 425 5.29 24.23 3.14
N PHE B 426 5.52 24.89 2.01
CA PHE B 426 6.13 26.22 2.10
C PHE B 426 5.18 27.22 2.74
N LEU B 427 3.88 27.08 2.49
CA LEU B 427 2.91 27.94 3.16
C LEU B 427 2.97 27.76 4.68
N SER B 428 3.16 26.52 5.15
CA SER B 428 3.16 26.33 6.59
C SER B 428 4.38 26.99 7.25
N ARG B 429 5.52 27.09 6.54
CA ARG B 429 6.66 27.78 7.13
C ARG B 429 6.32 29.24 7.37
N LEU B 430 5.80 29.94 6.38
CA LEU B 430 5.42 31.36 6.55
C LEU B 430 4.36 31.51 7.64
N VAL B 431 3.39 30.59 7.70
CA VAL B 431 2.29 30.75 8.66
C VAL B 431 2.78 30.51 10.09
N VAL B 432 3.54 29.43 10.30
CA VAL B 432 3.95 29.12 11.67
C VAL B 432 5.06 30.08 12.13
N ASP B 433 6.01 30.40 11.24
CA ASP B 433 7.19 31.17 11.65
C ASP B 433 6.88 32.64 11.93
N PHE B 434 5.76 33.17 11.46
CA PHE B 434 5.38 34.57 11.73
C PHE B 434 3.98 34.59 12.34
N PRO B 435 3.82 34.04 13.55
CA PRO B 435 2.47 33.66 14.04
C PRO B 435 1.41 34.73 13.85
N ASP B 436 1.66 35.92 14.35
CA ASP B 436 0.62 36.93 14.46
C ASP B 436 0.35 37.68 13.16
N GLN B 437 1.05 37.36 12.07
CA GLN B 437 0.89 38.05 10.81
C GLN B 437 0.12 37.23 9.78
N PHE B 438 -0.27 35.99 10.13
CA PHE B 438 -0.87 35.07 9.17
C PHE B 438 -1.96 34.19 9.80
N GLU B 439 -2.58 34.64 10.90
CA GLU B 439 -3.53 33.79 11.61
C GLU B 439 -4.71 33.40 10.74
N LYS B 440 -5.02 34.16 9.68
CA LYS B 440 -6.16 33.76 8.86
C LYS B 440 -5.85 32.55 7.99
N PHE B 441 -4.57 32.19 7.80
CA PHE B 441 -4.21 31.00 7.03
C PHE B 441 -4.23 29.73 7.88
N HIS B 442 -4.09 29.87 9.20
CA HIS B 442 -3.80 28.75 10.09
C HIS B 442 -4.81 27.64 9.96
N LYS B 443 -6.05 27.85 10.39
CA LYS B 443 -7.03 26.76 10.37
C LYS B 443 -7.32 26.25 8.97
N PRO B 444 -7.53 27.09 7.94
CA PRO B 444 -7.65 26.53 6.58
C PRO B 444 -6.49 25.63 6.19
N LEU B 445 -5.24 26.03 6.51
CA LEU B 445 -4.11 25.24 6.08
C LEU B 445 -3.99 23.93 6.87
N THR B 446 -4.20 23.99 8.20
CA THR B 446 -4.22 22.76 8.99
C THR B 446 -5.30 21.80 8.49
N GLU B 447 -6.45 22.33 8.09
CA GLU B 447 -7.53 21.46 7.67
C GLU B 447 -7.20 20.79 6.35
N MET B 448 -6.76 21.58 5.37
CA MET B 448 -6.30 21.00 4.11
C MET B 448 -5.28 19.90 4.35
N LEU B 449 -4.35 20.11 5.30
CA LEU B 449 -3.34 19.10 5.56
C LEU B 449 -3.94 17.86 6.19
N ILE B 450 -4.89 18.05 7.11
CA ILE B 450 -5.50 16.92 7.78
C ILE B 450 -6.23 16.01 6.77
N THR B 451 -6.92 16.60 5.78
CA THR B 451 -7.65 15.75 4.85
C THR B 451 -6.70 14.95 3.97
N ARG B 452 -5.50 15.47 3.77
CA ARG B 452 -4.53 14.90 2.84
C ARG B 452 -3.63 13.85 3.48
N VAL B 453 -3.72 13.62 4.79
CA VAL B 453 -2.95 12.59 5.47
C VAL B 453 -3.01 11.28 4.69
N ASN B 454 -1.84 10.77 4.30
CA ASN B 454 -1.72 9.45 3.71
C ASN B 454 -2.50 9.32 2.41
N CYS B 455 -2.58 10.41 1.64
CA CYS B 455 -3.25 10.34 0.36
C CYS B 455 -2.28 10.14 -0.80
N SER B 456 -1.00 9.89 -0.53
CA SER B 456 -0.04 9.64 -1.60
C SER B 456 1.12 8.86 -1.03
N THR B 457 1.87 8.24 -1.94
CA THR B 457 2.89 7.26 -1.60
C THR B 457 4.30 7.79 -1.69
N PHE B 458 4.52 8.92 -2.36
CA PHE B 458 5.89 9.42 -2.57
C PHE B 458 6.52 9.83 -1.26
N PRO B 459 7.67 9.26 -0.88
CA PRO B 459 8.26 9.61 0.42
C PRO B 459 8.42 11.10 0.67
N LEU B 460 8.83 11.87 -0.34
CA LEU B 460 9.01 13.30 -0.13
C LEU B 460 7.70 14.02 0.21
N GLU B 461 6.61 13.64 -0.45
CA GLU B 461 5.32 14.23 -0.13
C GLU B 461 4.85 13.82 1.26
N ARG B 462 5.03 12.54 1.64
CA ARG B 462 4.73 12.14 3.01
C ARG B 462 5.53 12.98 4.00
N ALA B 463 6.85 13.08 3.78
CA ALA B 463 7.70 13.81 4.71
C ALA B 463 7.19 15.24 4.86
N LEU B 464 6.86 15.89 3.75
CA LEU B 464 6.32 17.24 3.81
C LEU B 464 5.10 17.31 4.72
N ARG B 465 4.17 16.35 4.59
CA ARG B 465 2.94 16.41 5.41
C ARG B 465 3.24 16.18 6.89
N ILE B 466 4.17 15.29 7.22
CA ILE B 466 4.51 15.07 8.63
C ILE B 466 5.08 16.35 9.23
N ILE B 467 6.05 16.96 8.54
CA ILE B 467 6.68 18.17 9.09
C ILE B 467 5.64 19.26 9.29
N ALA B 468 4.84 19.53 8.26
CA ALA B 468 3.90 20.65 8.32
C ALA B 468 2.89 20.46 9.45
N LEU B 469 2.24 19.30 9.49
CA LEU B 469 1.26 19.06 10.54
C LEU B 469 1.88 19.14 11.92
N LYS B 470 3.10 18.62 12.10
CA LYS B 470 3.73 18.65 13.42
C LYS B 470 4.07 20.08 13.84
N LYS B 471 4.55 20.89 12.89
CA LYS B 471 4.76 22.32 13.14
C LYS B 471 3.45 23.03 13.43
N LEU B 472 2.34 22.49 12.94
CA LEU B 472 0.99 22.96 13.25
C LEU B 472 0.34 22.20 14.43
N GLY B 473 1.12 21.44 15.19
CA GLY B 473 0.64 20.86 16.42
C GLY B 473 -0.09 19.53 16.31
N ILE B 474 0.07 18.81 15.20
CA ILE B 474 -0.68 17.58 14.97
C ILE B 474 0.31 16.48 14.57
N VAL B 475 0.31 15.38 15.31
CA VAL B 475 1.26 14.30 15.11
C VAL B 475 0.74 13.36 14.04
N ASN B 476 1.48 13.23 12.94
CA ASN B 476 1.05 12.43 11.79
C ASN B 476 1.91 11.16 11.76
N ARG B 477 1.55 10.19 12.62
CA ARG B 477 2.37 8.99 12.71
C ARG B 477 2.10 8.01 11.57
N VAL B 478 0.97 8.13 10.89
CA VAL B 478 0.65 7.24 9.78
C VAL B 478 1.70 7.41 8.70
N ASP B 479 1.73 8.58 8.06
CA ASP B 479 2.69 8.87 7.00
C ASP B 479 4.12 8.57 7.44
N PHE B 480 4.43 8.76 8.74
CA PHE B 480 5.74 8.45 9.28
C PHE B 480 6.09 6.98 9.08
N LEU B 481 5.19 6.09 9.53
CA LEU B 481 5.43 4.66 9.39
C LEU B 481 5.61 4.26 7.93
N LYS B 482 4.70 4.69 7.06
CA LYS B 482 4.84 4.35 5.64
C LYS B 482 6.10 4.96 5.03
N LEU B 483 6.64 6.04 5.62
CA LEU B 483 7.90 6.62 5.17
C LEU B 483 9.07 5.69 5.52
N LEU B 484 9.12 5.23 6.77
CA LEU B 484 10.09 4.20 7.14
C LEU B 484 10.13 3.05 6.14
N ASP B 485 8.97 2.64 5.61
CA ASP B 485 8.94 1.45 4.77
C ASP B 485 9.56 1.66 3.39
N THR B 486 9.74 2.89 2.93
CA THR B 486 10.14 3.13 1.55
C THR B 486 11.60 3.51 1.43
N GLN B 487 12.36 3.38 2.52
CA GLN B 487 13.78 3.67 2.50
C GLN B 487 14.50 2.51 1.84
N LEU B 488 15.24 2.80 0.78
CA LEU B 488 16.04 1.77 0.14
C LEU B 488 17.16 1.30 1.07
N ALA B 489 17.73 0.14 0.74
CA ALA B 489 18.64 -0.59 1.63
C ALA B 489 19.97 0.13 1.87
N ASP B 490 20.37 1.04 0.99
CA ASP B 490 21.60 1.82 1.11
C ASP B 490 21.42 3.07 1.96
N GLY B 491 20.24 3.25 2.55
CA GLY B 491 19.95 4.35 3.41
C GLY B 491 19.13 5.46 2.77
N GLY B 492 19.21 5.61 1.45
CA GLY B 492 18.53 6.69 0.78
C GLY B 492 17.11 6.34 0.36
N TRP B 493 16.32 7.38 0.16
CA TRP B 493 14.98 7.23 -0.37
C TRP B 493 15.00 7.40 -1.88
N PRO B 494 13.98 6.93 -2.59
CA PRO B 494 13.96 7.07 -4.05
C PRO B 494 13.99 8.51 -4.53
N VAL B 495 14.52 8.71 -5.74
CA VAL B 495 14.54 10.01 -6.37
C VAL B 495 13.11 10.54 -6.51
N TYR B 496 12.95 11.86 -6.55
CA TYR B 496 11.63 12.48 -6.63
C TYR B 496 11.73 13.79 -7.40
N GLY B 497 10.77 14.02 -8.29
CA GLY B 497 10.78 15.22 -9.12
C GLY B 497 10.08 16.42 -8.50
N LEU B 498 10.80 17.15 -7.67
CA LEU B 498 10.18 18.18 -6.82
C LEU B 498 9.75 19.40 -7.63
N PHE B 499 10.47 19.73 -8.70
CA PHE B 499 10.06 20.88 -9.47
C PHE B 499 10.24 20.57 -10.96
N ILE B 500 9.79 21.52 -11.77
CA ILE B 500 9.46 21.22 -13.16
C ILE B 500 9.72 22.46 -13.98
N ALA B 501 10.24 22.26 -15.19
CA ALA B 501 10.31 23.35 -16.17
C ALA B 501 9.06 23.24 -17.03
N PRO B 502 8.14 24.21 -16.97
CA PRO B 502 6.81 24.00 -17.57
C PRO B 502 6.82 24.00 -19.09
N ARG B 503 7.71 24.75 -19.74
CA ARG B 503 7.74 24.78 -21.20
C ARG B 503 7.96 23.39 -21.80
N SER B 504 8.56 22.44 -21.05
CA SER B 504 8.78 21.10 -21.56
C SER B 504 8.30 19.99 -20.62
N ASN B 505 7.54 20.32 -19.57
CA ASN B 505 7.23 19.41 -18.44
C ASN B 505 8.38 18.44 -18.15
N THR B 506 9.58 19.00 -17.98
CA THR B 506 10.74 18.25 -17.54
C THR B 506 10.92 18.43 -16.03
N TYR B 507 10.95 17.31 -15.31
CA TYR B 507 11.11 17.27 -13.87
C TYR B 507 12.57 17.27 -13.46
N PHE B 508 12.83 17.81 -12.28
CA PHE B 508 14.16 17.84 -11.71
C PHE B 508 14.05 17.21 -10.34
N GLY B 509 15.05 16.42 -9.95
CA GLY B 509 15.03 15.88 -8.62
C GLY B 509 16.29 15.11 -8.32
N SER B 510 16.38 14.66 -7.07
CA SER B 510 17.50 13.85 -6.62
C SER B 510 17.01 12.89 -5.54
N ARG B 511 17.80 11.85 -5.28
CA ARG B 511 17.61 11.06 -4.08
C ARG B 511 18.05 11.84 -2.84
N GLU B 512 18.84 12.89 -3.04
CA GLU B 512 19.31 13.71 -1.94
C GLU B 512 18.17 14.51 -1.33
N LEU B 513 17.40 15.18 -2.18
CA LEU B 513 16.20 15.90 -1.74
C LEU B 513 15.21 14.97 -1.03
N SER B 514 14.90 13.83 -1.62
CA SER B 514 13.99 12.88 -0.96
C SER B 514 14.52 12.48 0.41
N THR B 515 15.77 12.05 0.47
CA THR B 515 16.36 11.65 1.74
C THR B 515 16.38 12.80 2.73
N ALA B 516 16.59 14.03 2.24
CA ALA B 516 16.79 15.16 3.14
C ALA B 516 15.50 15.49 3.89
N PHE B 517 14.36 15.41 3.21
CA PHE B 517 13.10 15.67 3.90
C PHE B 517 12.64 14.48 4.72
N ALA B 518 12.89 13.25 4.25
CA ALA B 518 12.54 12.09 5.06
C ALA B 518 13.25 12.11 6.40
N LEU B 519 14.54 12.45 6.41
CA LEU B 519 15.28 12.52 7.66
C LEU B 519 14.80 13.67 8.54
N GLU B 520 14.44 14.80 7.93
CA GLU B 520 13.80 15.87 8.69
C GLU B 520 12.50 15.42 9.34
N ALA B 521 11.68 14.65 8.61
CA ALA B 521 10.40 14.20 9.18
C ALA B 521 10.64 13.18 10.28
N LEU B 522 11.57 12.27 10.09
CA LEU B 522 11.97 11.38 11.17
C LEU B 522 12.48 12.17 12.37
N HIS B 523 13.16 13.28 12.11
CA HIS B 523 13.73 14.07 13.19
C HIS B 523 12.64 14.76 14.01
N ILE B 524 11.64 15.33 13.33
CA ILE B 524 10.60 16.13 13.98
C ILE B 524 9.56 15.30 14.73
N LEU B 525 9.66 13.98 14.68
CA LEU B 525 8.67 13.13 15.35
C LEU B 525 9.29 12.16 16.33
N SER B 526 10.55 12.34 16.70
CA SER B 526 11.22 11.41 17.61
C SER B 526 12.52 12.01 18.13
#